data_8FV1
#
_entry.id   8FV1
#
_cell.length_a   161.683
_cell.length_b   161.683
_cell.length_c   161.683
_cell.angle_alpha   90.000
_cell.angle_beta   90.000
_cell.angle_gamma   90.000
#
_symmetry.space_group_name_H-M   'P 21 3'
#
loop_
_entity.id
_entity.type
_entity.pdbx_description
1 polymer 'Diamine N-acetyltransferase'
2 non-polymer SPERMINE
#
_entity_poly.entity_id   1
_entity_poly.type   'polypeptide(L)'
_entity_poly.pdbx_seq_one_letter_code
;SNAMKLRALEYSDLLFVHELNNEYSIMSYWFEEPYESLTELQHLFDKHLLDESERRFIVEDENQVVGIVELVEINYIHRN
CEIQIIIKPEFSGKGYAKFAFEKAIIYAFNILNMHKIYLYVDADNKKAIHIYESQGFKTEGLLKEQFYTKGKYKDAYFMS
LLKSEYIL
;
_entity_poly.pdbx_strand_id   C,A,B,D
#
loop_
_chem_comp.id
_chem_comp.type
_chem_comp.name
_chem_comp.formula
SPM non-polymer SPERMINE 'C10 H26 N4'
#
# COMPACT_ATOMS: atom_id res chain seq x y z
N MET A 4 26.54 14.58 0.95
CA MET A 4 25.72 13.63 1.76
C MET A 4 24.67 12.93 0.91
N LYS A 5 24.07 11.88 1.47
CA LYS A 5 22.98 11.20 0.79
C LYS A 5 22.37 10.15 1.69
N LEU A 6 21.07 9.94 1.50
CA LEU A 6 20.36 8.77 1.99
C LEU A 6 20.40 7.69 0.91
N ARG A 7 20.48 6.43 1.36
CA ARG A 7 20.66 5.29 0.47
C ARG A 7 19.80 4.15 0.98
N ALA A 8 19.43 3.24 0.08
CA ALA A 8 18.70 2.05 0.50
C ALA A 8 19.58 1.19 1.39
N LEU A 9 19.03 0.73 2.52
CA LEU A 9 19.77 -0.15 3.40
C LEU A 9 20.15 -1.43 2.66
N GLU A 10 21.41 -1.82 2.77
CA GLU A 10 21.95 -2.99 2.10
C GLU A 10 22.44 -3.99 3.13
N TYR A 11 22.35 -5.27 2.77
CA TYR A 11 22.85 -6.34 3.64
C TYR A 11 24.27 -6.04 4.10
N SER A 12 25.13 -5.61 3.18
CA SER A 12 26.52 -5.32 3.51
C SER A 12 26.63 -4.24 4.57
N ASP A 13 25.60 -3.42 4.76
CA ASP A 13 25.65 -2.36 5.77
C ASP A 13 25.31 -2.85 7.16
N LEU A 14 24.70 -4.04 7.29
CA LEU A 14 24.19 -4.48 8.57
C LEU A 14 25.27 -4.43 9.65
N LEU A 15 26.51 -4.76 9.29
CA LEU A 15 27.62 -4.64 10.24
C LEU A 15 27.55 -3.31 10.98
N PHE A 16 27.64 -2.20 10.24
CA PHE A 16 27.50 -0.89 10.85
C PHE A 16 26.25 -0.83 11.73
N VAL A 17 25.10 -1.17 11.15
CA VAL A 17 23.85 -1.15 11.90
C VAL A 17 23.99 -1.98 13.18
N HIS A 18 24.61 -3.15 13.07
CA HIS A 18 24.87 -3.97 14.25
C HIS A 18 25.62 -3.16 15.30
N GLU A 19 26.78 -2.61 14.92
CA GLU A 19 27.55 -1.79 15.85
C GLU A 19 26.72 -0.66 16.41
N LEU A 20 25.69 -0.23 15.69
CA LEU A 20 24.82 0.85 16.14
C LEU A 20 23.68 0.37 17.02
N ASN A 21 23.19 -0.85 16.79
CA ASN A 21 22.03 -1.34 17.52
C ASN A 21 22.38 -1.97 18.86
N ASN A 22 23.67 -2.19 19.14
CA ASN A 22 24.11 -2.76 20.41
C ASN A 22 24.77 -1.73 21.31
N GLU A 23 24.53 -0.44 21.05
CA GLU A 23 25.05 0.64 21.87
C GLU A 23 23.99 1.06 22.87
N TYR A 24 24.32 0.99 24.17
CA TYR A 24 23.33 1.25 25.21
C TYR A 24 22.87 2.71 25.18
N SER A 25 23.76 3.64 24.82
CA SER A 25 23.42 5.05 24.83
C SER A 25 22.56 5.44 23.64
N ILE A 26 22.88 4.91 22.46
CA ILE A 26 22.17 5.31 21.24
C ILE A 26 20.73 4.83 21.29
N MET A 27 20.53 3.54 21.55
CA MET A 27 19.20 2.95 21.49
C MET A 27 18.28 3.43 22.62
N SER A 28 18.83 4.12 23.63
CA SER A 28 17.97 4.64 24.69
C SER A 28 17.10 5.78 24.19
N TYR A 29 17.65 6.66 23.35
CA TYR A 29 16.85 7.70 22.73
C TYR A 29 15.71 7.13 21.90
N TRP A 30 15.86 5.89 21.42
CA TRP A 30 14.82 5.21 20.66
C TRP A 30 13.90 4.39 21.53
N PHE A 31 14.20 4.22 22.81
CA PHE A 31 13.46 3.34 23.70
C PHE A 31 13.61 1.87 23.29
N GLU A 32 14.72 1.55 22.63
CA GLU A 32 14.98 0.21 22.12
C GLU A 32 15.96 -0.54 23.02
N GLU A 33 15.85 -1.86 23.01
CA GLU A 33 16.80 -2.68 23.74
C GLU A 33 18.12 -2.74 22.98
N PRO A 34 19.26 -2.55 23.64
CA PRO A 34 20.55 -2.57 22.93
C PRO A 34 21.15 -3.98 22.85
N TYR A 35 20.39 -4.90 22.27
CA TYR A 35 20.85 -6.27 22.09
C TYR A 35 20.32 -6.78 20.76
N GLU A 36 21.23 -7.20 19.88
CA GLU A 36 20.83 -7.80 18.61
C GLU A 36 22.05 -8.39 17.91
N SER A 37 22.14 -9.72 17.89
CA SER A 37 23.25 -10.37 17.21
C SER A 37 23.21 -10.06 15.72
N LEU A 38 24.39 -10.06 15.09
CA LEU A 38 24.46 -9.87 13.65
C LEU A 38 23.61 -10.90 12.92
N THR A 39 23.52 -12.12 13.46
CA THR A 39 22.69 -13.14 12.83
C THR A 39 21.21 -12.77 12.90
N GLU A 40 20.76 -12.29 14.06
CA GLU A 40 19.36 -11.86 14.17
C GLU A 40 19.08 -10.68 13.24
N LEU A 41 20.03 -9.74 13.15
CA LEU A 41 19.83 -8.59 12.28
C LEU A 41 19.74 -9.02 10.82
N GLN A 42 20.60 -9.95 10.40
CA GLN A 42 20.53 -10.45 9.03
C GLN A 42 19.25 -11.21 8.78
N HIS A 43 18.80 -12.00 9.77
CA HIS A 43 17.56 -12.76 9.61
C HIS A 43 16.37 -11.81 9.46
N LEU A 44 16.34 -10.73 10.24
CA LEU A 44 15.24 -9.78 10.12
C LEU A 44 15.35 -8.99 8.82
N PHE A 45 16.56 -8.71 8.35
CA PHE A 45 16.73 -8.07 7.05
C PHE A 45 16.13 -8.94 5.95
N ASP A 46 16.47 -10.23 5.95
CA ASP A 46 15.91 -11.13 4.95
C ASP A 46 14.40 -11.29 5.13
N LYS A 47 13.92 -11.22 6.37
CA LYS A 47 12.50 -11.40 6.64
C LYS A 47 11.68 -10.25 6.05
N HIS A 48 12.07 -9.02 6.38
CA HIS A 48 11.34 -7.83 5.93
C HIS A 48 11.91 -7.26 4.63
N LEU A 49 12.58 -8.09 3.83
CA LEU A 49 13.12 -7.60 2.56
C LEU A 49 12.04 -6.98 1.69
N LEU A 50 10.89 -7.65 1.60
CA LEU A 50 9.79 -7.18 0.77
C LEU A 50 8.65 -6.57 1.59
N ASP A 51 8.87 -6.34 2.88
CA ASP A 51 7.87 -5.69 3.73
C ASP A 51 7.74 -4.23 3.29
N GLU A 52 6.63 -3.90 2.64
CA GLU A 52 6.41 -2.55 2.13
C GLU A 52 6.06 -1.55 3.22
N SER A 53 5.80 -2.00 4.45
CA SER A 53 5.56 -1.10 5.57
C SER A 53 6.85 -0.56 6.17
N GLU A 54 8.00 -0.83 5.54
CA GLU A 54 9.29 -0.41 6.05
C GLU A 54 10.08 0.25 4.93
N ARG A 55 10.84 1.29 5.28
CA ARG A 55 11.79 1.93 4.38
C ARG A 55 12.99 2.35 5.22
N ARG A 56 14.05 1.55 5.18
CA ARG A 56 15.23 1.77 6.02
C ARG A 56 16.36 2.32 5.16
N PHE A 57 16.86 3.50 5.54
CA PHE A 57 17.88 4.21 4.79
C PHE A 57 19.17 4.32 5.60
N ILE A 58 20.28 4.28 4.87
CA ILE A 58 21.61 4.58 5.40
C ILE A 58 21.93 6.03 5.08
N VAL A 59 22.40 6.77 6.08
CA VAL A 59 22.82 8.16 5.90
C VAL A 59 24.34 8.17 5.84
N GLU A 60 24.90 8.67 4.73
CA GLU A 60 26.34 8.73 4.57
C GLU A 60 26.74 10.09 4.03
N ASP A 61 27.95 10.53 4.41
CA ASP A 61 28.47 11.82 3.98
C ASP A 61 29.40 11.64 2.79
N GLU A 62 30.38 12.55 2.64
CA GLU A 62 31.31 12.44 1.52
C GLU A 62 32.00 11.08 1.50
N ASN A 63 32.40 10.59 2.67
CA ASN A 63 33.22 9.39 2.74
C ASN A 63 32.37 8.24 3.25
N GLN A 64 32.31 8.01 4.57
CA GLN A 64 31.78 6.78 5.11
C GLN A 64 30.33 6.93 5.55
N VAL A 65 29.76 5.85 6.06
CA VAL A 65 28.41 5.87 6.61
C VAL A 65 28.42 6.57 7.95
N VAL A 66 27.35 7.31 8.25
CA VAL A 66 27.27 8.06 9.50
C VAL A 66 26.01 7.74 10.30
N GLY A 67 24.94 7.25 9.70
CA GLY A 67 23.75 6.98 10.50
C GLY A 67 22.72 6.18 9.75
N ILE A 68 21.53 6.12 10.34
CA ILE A 68 20.40 5.39 9.78
C ILE A 68 19.12 6.17 9.99
N VAL A 69 18.21 6.04 9.03
CA VAL A 69 16.86 6.59 9.12
C VAL A 69 15.91 5.44 8.80
N GLU A 70 14.67 5.56 9.28
CA GLU A 70 13.69 4.51 9.06
C GLU A 70 12.29 5.08 9.07
N LEU A 71 11.57 4.90 7.95
CA LEU A 71 10.14 5.18 7.86
C LEU A 71 9.41 3.85 8.06
N VAL A 72 8.78 3.69 9.22
CA VAL A 72 8.21 2.42 9.64
C VAL A 72 6.71 2.59 9.86
N GLU A 73 6.05 1.46 10.10
CA GLU A 73 4.60 1.42 10.33
C GLU A 73 3.86 2.24 9.27
N ILE A 74 4.31 2.12 8.03
CA ILE A 74 3.70 2.86 6.92
C ILE A 74 2.32 2.27 6.66
N ASN A 75 1.28 3.03 6.96
CA ASN A 75 -0.10 2.66 6.65
C ASN A 75 -0.49 3.37 5.35
N TYR A 76 -0.86 2.59 4.34
CA TYR A 76 -1.18 3.14 3.03
C TYR A 76 -2.65 3.51 2.88
N ILE A 77 -3.46 3.32 3.91
CA ILE A 77 -4.85 3.78 3.92
C ILE A 77 -4.98 5.13 4.61
N HIS A 78 -4.44 5.25 5.83
CA HIS A 78 -4.46 6.50 6.55
C HIS A 78 -3.34 7.45 6.12
N ARG A 79 -2.37 6.96 5.35
CA ARG A 79 -1.33 7.81 4.76
C ARG A 79 -0.42 8.42 5.83
N ASN A 80 -0.10 7.64 6.86
CA ASN A 80 0.82 8.08 7.91
C ASN A 80 1.92 7.04 8.09
N CYS A 81 2.98 7.45 8.78
CA CYS A 81 4.12 6.58 9.03
C CYS A 81 4.99 7.21 10.10
N GLU A 82 5.61 6.35 10.91
CA GLU A 82 6.56 6.81 11.91
C GLU A 82 7.93 7.01 11.28
N ILE A 83 8.67 7.99 11.79
CA ILE A 83 10.03 8.27 11.34
C ILE A 83 10.97 8.12 12.53
N GLN A 84 12.15 7.55 12.27
CA GLN A 84 13.16 7.35 13.29
C GLN A 84 14.52 7.69 12.69
N ILE A 85 15.37 8.33 13.48
CA ILE A 85 16.68 8.81 13.03
C ILE A 85 17.70 8.52 14.10
N ILE A 86 18.87 8.02 13.69
CA ILE A 86 19.97 7.73 14.61
C ILE A 86 21.28 8.05 13.90
N ILE A 87 22.02 9.03 14.43
CA ILE A 87 23.35 9.37 13.93
C ILE A 87 24.38 8.90 14.95
N LYS A 88 25.46 8.30 14.45
CA LYS A 88 26.51 7.82 15.34
C LYS A 88 27.00 8.95 16.23
N PRO A 89 27.20 8.70 17.53
CA PRO A 89 27.69 9.78 18.40
C PRO A 89 29.01 10.38 17.95
N GLU A 90 29.90 9.57 17.36
CA GLU A 90 31.17 10.10 16.90
C GLU A 90 31.00 11.18 15.84
N PHE A 91 29.83 11.24 15.20
CA PHE A 91 29.52 12.27 14.22
C PHE A 91 28.49 13.26 14.75
N SER A 92 28.33 13.35 16.06
CA SER A 92 27.33 14.22 16.65
C SER A 92 27.73 15.68 16.49
N GLY A 93 26.74 16.56 16.51
CA GLY A 93 26.95 17.98 16.39
C GLY A 93 27.37 18.46 15.03
N LYS A 94 27.53 17.57 14.05
CA LYS A 94 27.97 17.94 12.72
C LYS A 94 26.82 18.32 11.79
N GLY A 95 25.58 18.26 12.27
CA GLY A 95 24.43 18.58 11.46
C GLY A 95 23.89 17.45 10.62
N TYR A 96 24.38 16.22 10.83
CA TYR A 96 23.92 15.09 10.04
C TYR A 96 22.45 14.78 10.31
N ALA A 97 22.03 14.87 11.58
CA ALA A 97 20.66 14.52 11.93
C ALA A 97 19.66 15.38 11.18
N LYS A 98 19.93 16.68 11.06
CA LYS A 98 18.98 17.57 10.41
C LYS A 98 18.84 17.24 8.92
N PHE A 99 19.97 17.04 8.24
CA PHE A 99 19.92 16.66 6.83
C PHE A 99 19.18 15.35 6.63
N ALA A 100 19.47 14.36 7.47
CA ALA A 100 18.81 13.07 7.35
C ALA A 100 17.31 13.21 7.55
N PHE A 101 16.90 13.96 8.57
CA PHE A 101 15.48 14.18 8.84
C PHE A 101 14.80 14.88 7.67
N GLU A 102 15.46 15.90 7.11
CA GLU A 102 14.89 16.60 5.95
C GLU A 102 14.70 15.66 4.78
N LYS A 103 15.75 14.92 4.41
CA LYS A 103 15.64 14.00 3.28
C LYS A 103 14.56 12.95 3.53
N ALA A 104 14.42 12.50 4.78
CA ALA A 104 13.41 11.49 5.09
C ALA A 104 12.01 12.07 4.94
N ILE A 105 11.79 13.30 5.40
CA ILE A 105 10.48 13.92 5.23
C ILE A 105 10.17 14.09 3.74
N ILE A 106 11.17 14.52 2.96
CA ILE A 106 10.96 14.70 1.53
C ILE A 106 10.57 13.37 0.89
N TYR A 107 11.27 12.29 1.27
CA TYR A 107 10.94 10.98 0.72
C TYR A 107 9.53 10.56 1.12
N ALA A 108 9.15 10.80 2.38
CA ALA A 108 7.86 10.36 2.87
C ALA A 108 6.71 11.09 2.18
N PHE A 109 6.88 12.39 1.93
CA PHE A 109 5.79 13.17 1.36
C PHE A 109 5.76 13.16 -0.16
N ASN A 110 6.92 13.29 -0.81
CA ASN A 110 6.98 13.47 -2.25
C ASN A 110 7.19 12.17 -3.03
N ILE A 111 7.44 11.05 -2.37
CA ILE A 111 7.63 9.77 -3.02
C ILE A 111 6.62 8.74 -2.53
N LEU A 112 6.42 8.64 -1.22
CA LEU A 112 5.46 7.72 -0.65
C LEU A 112 4.05 8.31 -0.59
N ASN A 113 3.89 9.59 -0.92
CA ASN A 113 2.56 10.22 -0.96
C ASN A 113 1.86 10.09 0.39
N MET A 114 2.58 10.42 1.45
CA MET A 114 2.06 10.33 2.80
C MET A 114 1.31 11.60 3.18
N HIS A 115 0.37 11.46 4.10
CA HIS A 115 -0.44 12.58 4.58
C HIS A 115 0.01 13.11 5.93
N LYS A 116 0.84 12.36 6.66
CA LYS A 116 1.25 12.75 8.00
C LYS A 116 2.47 11.93 8.40
N ILE A 117 3.39 12.55 9.13
CA ILE A 117 4.59 11.88 9.63
C ILE A 117 4.67 12.13 11.12
N TYR A 118 4.66 11.05 11.92
CA TYR A 118 4.69 11.16 13.37
C TYR A 118 5.94 10.48 13.91
N LEU A 119 6.19 10.72 15.20
CA LEU A 119 7.36 10.18 15.86
C LEU A 119 7.18 10.31 17.37
N TYR A 120 7.89 9.45 18.10
CA TYR A 120 7.94 9.48 19.55
C TYR A 120 9.32 9.95 19.98
N VAL A 121 9.37 10.97 20.84
CA VAL A 121 10.63 11.48 21.34
C VAL A 121 10.58 11.54 22.86
N ASP A 122 11.73 11.31 23.50
CA ASP A 122 11.79 11.38 24.95
C ASP A 122 11.54 12.82 25.41
N ALA A 123 10.70 12.96 26.44
CA ALA A 123 10.37 14.29 26.93
C ALA A 123 11.61 15.04 27.42
N ASP A 124 12.62 14.31 27.91
CA ASP A 124 13.84 14.93 28.41
C ASP A 124 14.83 15.27 27.31
N ASN A 125 14.65 14.73 26.10
CA ASN A 125 15.57 14.96 24.99
C ASN A 125 15.22 16.30 24.35
N LYS A 126 15.84 17.36 24.87
CA LYS A 126 15.53 18.70 24.38
C LYS A 126 16.09 18.95 22.99
N LYS A 127 17.32 18.48 22.72
CA LYS A 127 17.93 18.71 21.42
C LYS A 127 17.10 18.11 20.30
N ALA A 128 16.67 16.86 20.46
CA ALA A 128 15.87 16.21 19.43
C ALA A 128 14.53 16.91 19.24
N ILE A 129 13.90 17.34 20.34
CA ILE A 129 12.63 18.05 20.24
C ILE A 129 12.81 19.35 19.46
N HIS A 130 13.89 20.07 19.74
CA HIS A 130 14.14 21.31 19.01
C HIS A 130 14.40 21.05 17.53
N ILE A 131 15.19 20.01 17.23
CA ILE A 131 15.45 19.66 15.83
C ILE A 131 14.14 19.35 15.12
N TYR A 132 13.26 18.60 15.76
CA TYR A 132 11.99 18.23 15.14
C TYR A 132 11.11 19.45 14.94
N GLU A 133 11.02 20.32 15.95
CA GLU A 133 10.18 21.51 15.83
C GLU A 133 10.69 22.43 14.72
N SER A 134 12.01 22.60 14.63
CA SER A 134 12.58 23.40 13.56
C SER A 134 12.15 22.89 12.19
N GLN A 135 11.90 21.58 12.07
CA GLN A 135 11.44 20.98 10.84
C GLN A 135 9.92 21.03 10.70
N GLY A 136 9.21 21.64 11.64
CA GLY A 136 7.78 21.82 11.55
C GLY A 136 6.96 20.87 12.39
N PHE A 137 7.59 19.88 13.02
CA PHE A 137 6.84 18.92 13.84
C PHE A 137 6.27 19.61 15.07
N LYS A 138 5.00 19.34 15.35
CA LYS A 138 4.28 19.95 16.46
C LYS A 138 3.79 18.87 17.41
N THR A 139 4.07 19.06 18.69
CA THR A 139 3.65 18.09 19.70
C THR A 139 2.13 17.97 19.72
N GLU A 140 1.63 16.75 19.51
CA GLU A 140 0.21 16.47 19.54
C GLU A 140 -0.21 15.71 20.79
N GLY A 141 0.71 15.44 21.72
CA GLY A 141 0.35 14.73 22.93
C GLY A 141 1.57 14.42 23.75
N LEU A 142 1.30 14.03 25.01
CA LEU A 142 2.34 13.64 25.95
C LEU A 142 1.94 12.29 26.55
N LEU A 143 2.68 11.25 26.21
CA LEU A 143 2.41 9.90 26.70
C LEU A 143 3.25 9.68 27.95
N LYS A 144 2.62 9.80 29.11
CA LYS A 144 3.34 9.69 30.38
C LYS A 144 3.65 8.24 30.69
N GLU A 145 4.90 7.99 31.08
CA GLU A 145 5.35 6.64 31.41
C GLU A 145 5.05 5.67 30.27
N GLN A 146 5.28 6.14 29.04
CA GLN A 146 5.00 5.30 27.88
C GLN A 146 6.11 4.28 27.64
N PHE A 147 7.37 4.68 27.83
CA PHE A 147 8.49 3.79 27.55
C PHE A 147 9.27 3.52 28.84
N TYR A 148 10.17 2.54 28.77
CA TYR A 148 10.95 2.14 29.94
C TYR A 148 12.40 1.93 29.49
N THR A 149 13.30 2.75 30.03
CA THR A 149 14.71 2.63 29.69
C THR A 149 15.55 3.13 30.86
N LYS A 150 16.76 2.58 30.95
CA LYS A 150 17.70 2.92 32.04
C LYS A 150 17.01 2.83 33.39
N GLY A 151 16.11 1.85 33.53
CA GLY A 151 15.43 1.60 34.78
C GLY A 151 14.29 2.52 35.11
N LYS A 152 14.02 3.52 34.28
CA LYS A 152 12.98 4.51 34.56
C LYS A 152 11.93 4.51 33.46
N TYR A 153 10.68 4.76 33.86
CA TYR A 153 9.59 4.94 32.93
C TYR A 153 9.63 6.37 32.40
N LYS A 154 9.98 6.52 31.13
CA LYS A 154 10.09 7.82 30.49
C LYS A 154 8.80 8.14 29.72
N ASP A 155 8.38 9.40 29.83
CA ASP A 155 7.29 9.94 29.04
C ASP A 155 7.77 10.23 27.62
N ALA A 156 6.82 10.34 26.70
CA ALA A 156 7.15 10.53 25.29
C ALA A 156 6.24 11.56 24.67
N TYR A 157 6.84 12.56 24.04
CA TYR A 157 6.12 13.48 23.18
C TYR A 157 5.83 12.80 21.84
N PHE A 158 4.56 12.80 21.44
CA PHE A 158 4.14 12.29 20.14
C PHE A 158 4.09 13.49 19.20
N MET A 159 5.20 13.74 18.52
CA MET A 159 5.28 14.87 17.59
C MET A 159 4.87 14.42 16.20
N SER A 160 4.39 15.35 15.40
CA SER A 160 3.88 15.00 14.09
C SER A 160 3.89 16.22 13.18
N LEU A 161 3.77 15.95 11.89
CA LEU A 161 3.80 16.99 10.85
C LEU A 161 2.89 16.56 9.72
N LEU A 162 1.93 17.41 9.37
CA LEU A 162 1.04 17.16 8.25
C LEU A 162 1.68 17.65 6.95
N LYS A 163 1.41 16.94 5.86
CA LYS A 163 1.92 17.37 4.56
C LYS A 163 1.40 18.75 4.19
N SER A 164 0.19 19.10 4.65
CA SER A 164 -0.34 20.43 4.39
C SER A 164 0.50 21.50 5.08
N GLU A 165 0.85 21.28 6.35
CA GLU A 165 1.73 22.18 7.06
C GLU A 165 3.16 22.17 6.53
N TYR A 166 3.47 21.25 5.61
CA TYR A 166 4.82 21.14 5.05
C TYR A 166 4.96 21.88 3.72
N ILE A 167 3.86 22.12 3.02
CA ILE A 167 3.92 22.76 1.70
C ILE A 167 3.75 24.26 1.84
N LEU A 168 3.73 24.76 3.07
CA LEU A 168 3.56 26.19 3.31
C LEU A 168 4.93 26.88 3.37
N ALA B 3 28.11 0.22 -33.29
CA ALA B 3 28.90 -0.53 -32.27
C ALA B 3 28.15 -0.55 -30.94
N MET B 4 26.84 -0.82 -30.99
CA MET B 4 25.99 -0.83 -29.82
C MET B 4 24.96 -1.94 -29.99
N LYS B 5 24.90 -2.84 -29.00
CA LYS B 5 24.02 -4.01 -29.10
C LYS B 5 23.19 -4.17 -27.84
N LEU B 6 22.19 -5.04 -27.96
CA LEU B 6 21.37 -5.51 -26.85
C LEU B 6 21.78 -6.95 -26.51
N ARG B 7 21.68 -7.26 -25.22
CA ARG B 7 22.08 -8.57 -24.69
C ARG B 7 21.03 -8.98 -23.65
N ALA B 8 21.06 -10.25 -23.27
CA ALA B 8 20.16 -10.72 -22.22
C ALA B 8 20.67 -10.28 -20.85
N LEU B 9 19.74 -9.83 -19.99
CA LEU B 9 20.12 -9.40 -18.65
C LEU B 9 20.62 -10.60 -17.85
N GLU B 10 21.78 -10.44 -17.24
CA GLU B 10 22.41 -11.49 -16.45
C GLU B 10 22.47 -11.09 -14.98
N TYR B 11 22.55 -12.11 -14.12
CA TYR B 11 22.67 -11.86 -12.68
C TYR B 11 23.85 -10.94 -12.39
N SER B 12 25.00 -11.20 -13.01
CA SER B 12 26.18 -10.38 -12.77
C SER B 12 25.93 -8.91 -13.11
N ASP B 13 25.01 -8.64 -14.03
CA ASP B 13 24.73 -7.26 -14.42
C ASP B 13 23.92 -6.51 -13.36
N LEU B 14 23.28 -7.24 -12.44
CA LEU B 14 22.36 -6.59 -11.50
C LEU B 14 23.02 -5.41 -10.79
N LEU B 15 24.29 -5.57 -10.41
CA LEU B 15 25.03 -4.46 -9.81
C LEU B 15 24.78 -3.16 -10.57
N PHE B 16 25.14 -3.14 -11.85
CA PHE B 16 24.85 -1.98 -12.69
C PHE B 16 23.39 -1.56 -12.53
N VAL B 17 22.47 -2.47 -12.81
CA VAL B 17 21.05 -2.15 -12.72
C VAL B 17 20.71 -1.58 -11.35
N HIS B 18 21.33 -2.14 -10.30
CA HIS B 18 21.08 -1.63 -8.96
C HIS B 18 21.35 -0.14 -8.89
N GLU B 19 22.54 0.29 -9.34
CA GLU B 19 22.88 1.69 -9.30
C GLU B 19 21.85 2.55 -10.03
N LEU B 20 21.16 1.96 -11.02
CA LEU B 20 20.14 2.70 -11.75
C LEU B 20 18.83 2.77 -10.97
N ASN B 21 18.45 1.68 -10.31
CA ASN B 21 17.15 1.62 -9.64
C ASN B 21 17.12 2.40 -8.33
N ASN B 22 18.24 3.03 -7.93
CA ASN B 22 18.29 3.81 -6.72
C ASN B 22 18.56 5.29 -6.98
N GLU B 23 18.52 5.72 -8.24
CA GLU B 23 18.67 7.13 -8.61
C GLU B 23 17.29 7.73 -8.77
N TYR B 24 16.94 8.65 -7.86
CA TYR B 24 15.64 9.30 -7.91
C TYR B 24 15.36 9.92 -9.27
N SER B 25 16.35 10.61 -9.83
CA SER B 25 16.15 11.29 -11.10
C SER B 25 15.78 10.32 -12.21
N ILE B 26 16.41 9.14 -12.22
CA ILE B 26 16.14 8.17 -13.28
C ILE B 26 14.79 7.50 -13.06
N MET B 27 14.52 7.06 -11.82
CA MET B 27 13.30 6.32 -11.56
C MET B 27 12.06 7.21 -11.66
N SER B 28 12.20 8.51 -11.45
CA SER B 28 11.05 9.41 -11.55
C SER B 28 10.41 9.32 -12.94
N TYR B 29 11.24 9.39 -13.99
CA TYR B 29 10.70 9.27 -15.34
C TYR B 29 9.91 7.98 -15.52
N TRP B 30 10.38 6.90 -14.89
CA TRP B 30 9.65 5.64 -14.92
C TRP B 30 8.47 5.61 -13.95
N PHE B 31 8.31 6.64 -13.13
CA PHE B 31 7.29 6.68 -12.07
C PHE B 31 7.52 5.61 -11.01
N GLU B 32 8.74 5.06 -10.94
CA GLU B 32 9.07 4.03 -9.98
C GLU B 32 9.61 4.66 -8.70
N GLU B 33 9.92 3.81 -7.71
CA GLU B 33 10.49 4.25 -6.44
C GLU B 33 11.98 4.02 -6.44
N PRO B 34 12.80 5.00 -6.02
CA PRO B 34 14.26 4.80 -6.07
C PRO B 34 14.78 4.08 -4.84
N TYR B 35 14.09 3.01 -4.42
CA TYR B 35 14.49 2.22 -3.26
C TYR B 35 14.39 0.75 -3.64
N GLU B 36 15.53 0.08 -3.77
CA GLU B 36 15.54 -1.34 -4.10
C GLU B 36 16.92 -1.89 -3.72
N SER B 37 16.98 -2.59 -2.60
CA SER B 37 18.23 -3.21 -2.17
C SER B 37 18.68 -4.22 -3.21
N LEU B 38 20.01 -4.38 -3.32
CA LEU B 38 20.55 -5.38 -4.23
C LEU B 38 19.99 -6.76 -3.93
N THR B 39 19.70 -7.05 -2.66
CA THR B 39 19.09 -8.33 -2.31
C THR B 39 17.70 -8.46 -2.92
N GLU B 40 16.90 -7.40 -2.81
CA GLU B 40 15.56 -7.43 -3.41
C GLU B 40 15.65 -7.54 -4.92
N LEU B 41 16.60 -6.84 -5.54
CA LEU B 41 16.76 -6.92 -6.99
C LEU B 41 17.13 -8.33 -7.42
N GLN B 42 18.05 -8.97 -6.71
CA GLN B 42 18.42 -10.34 -7.05
C GLN B 42 17.26 -11.30 -6.83
N HIS B 43 16.49 -11.09 -5.75
CA HIS B 43 15.32 -11.94 -5.50
C HIS B 43 14.31 -11.81 -6.64
N LEU B 44 14.08 -10.58 -7.11
CA LEU B 44 13.14 -10.38 -8.21
C LEU B 44 13.67 -11.00 -9.50
N PHE B 45 14.97 -10.87 -9.75
CA PHE B 45 15.56 -11.48 -10.93
C PHE B 45 15.36 -12.99 -10.90
N ASP B 46 15.61 -13.62 -9.76
CA ASP B 46 15.42 -15.06 -9.65
C ASP B 46 13.94 -15.45 -9.73
N LYS B 47 13.06 -14.59 -9.24
CA LYS B 47 11.63 -14.93 -9.19
C LYS B 47 11.00 -14.86 -10.58
N HIS B 48 11.42 -13.89 -11.40
CA HIS B 48 10.92 -13.76 -12.76
C HIS B 48 11.88 -14.33 -13.78
N LEU B 49 12.71 -15.29 -13.39
CA LEU B 49 13.67 -15.89 -14.31
C LEU B 49 12.95 -16.53 -15.49
N LEU B 50 11.95 -17.36 -15.22
CA LEU B 50 11.20 -18.06 -16.26
C LEU B 50 9.91 -17.35 -16.64
N ASP B 51 9.70 -16.13 -16.15
CA ASP B 51 8.51 -15.36 -16.51
C ASP B 51 8.62 -14.95 -17.97
N GLU B 52 7.73 -15.49 -18.81
CA GLU B 52 7.76 -15.21 -20.23
C GLU B 52 7.08 -13.89 -20.58
N SER B 53 6.42 -13.24 -19.62
CA SER B 53 5.85 -11.92 -19.84
C SER B 53 6.89 -10.80 -19.79
N GLU B 54 8.16 -11.15 -19.62
CA GLU B 54 9.23 -10.17 -19.52
C GLU B 54 10.36 -10.51 -20.49
N ARG B 55 11.19 -9.51 -20.74
CA ARG B 55 12.44 -9.70 -21.48
C ARG B 55 13.30 -8.46 -21.27
N ARG B 56 14.26 -8.55 -20.33
CA ARG B 56 15.09 -7.42 -19.95
C ARG B 56 16.42 -7.51 -20.68
N PHE B 57 16.68 -6.52 -21.54
CA PHE B 57 17.92 -6.45 -22.30
C PHE B 57 18.87 -5.44 -21.68
N ILE B 58 20.16 -5.75 -21.76
CA ILE B 58 21.24 -4.84 -21.39
C ILE B 58 21.74 -4.18 -22.66
N VAL B 59 21.81 -2.85 -22.67
CA VAL B 59 22.32 -2.08 -23.80
C VAL B 59 23.78 -1.79 -23.52
N GLU B 60 24.66 -2.22 -24.42
CA GLU B 60 26.09 -1.98 -24.26
C GLU B 60 26.70 -1.50 -25.57
N ASP B 61 27.68 -0.60 -25.45
CA ASP B 61 28.38 -0.09 -26.62
C ASP B 61 29.62 -0.93 -26.91
N GLU B 62 30.64 -0.32 -27.53
CA GLU B 62 31.79 -1.09 -27.96
C GLU B 62 32.69 -1.52 -26.81
N ASN B 63 32.56 -0.90 -25.64
CA ASN B 63 33.53 -1.14 -24.58
C ASN B 63 32.88 -1.50 -23.25
N GLN B 64 31.70 -0.97 -22.96
CA GLN B 64 31.11 -1.12 -21.64
C GLN B 64 29.60 -1.18 -21.74
N VAL B 65 28.96 -1.45 -20.60
CA VAL B 65 27.51 -1.42 -20.48
C VAL B 65 27.07 0.02 -20.30
N VAL B 66 26.01 0.41 -21.01
CA VAL B 66 25.55 1.79 -20.98
C VAL B 66 24.10 1.95 -20.53
N GLY B 67 23.27 0.92 -20.62
CA GLY B 67 21.90 1.08 -20.18
C GLY B 67 21.13 -0.22 -20.18
N ILE B 68 19.81 -0.09 -20.11
CA ILE B 68 18.92 -1.25 -20.06
C ILE B 68 17.63 -0.93 -20.81
N VAL B 69 17.21 -1.86 -21.65
CA VAL B 69 15.88 -1.82 -22.27
C VAL B 69 15.10 -2.98 -21.68
N GLU B 70 13.77 -2.91 -21.81
CA GLU B 70 12.93 -3.95 -21.26
C GLU B 70 11.61 -4.03 -22.03
N LEU B 71 11.21 -5.25 -22.39
CA LEU B 71 9.90 -5.53 -22.97
C LEU B 71 9.11 -6.31 -21.92
N VAL B 72 8.19 -5.62 -21.25
CA VAL B 72 7.46 -6.19 -20.13
C VAL B 72 5.98 -6.32 -20.52
N GLU B 73 5.21 -6.95 -19.62
CA GLU B 73 3.77 -7.13 -19.80
C GLU B 73 3.47 -7.70 -21.20
N ILE B 74 4.28 -8.67 -21.62
CA ILE B 74 4.12 -9.28 -22.93
C ILE B 74 2.87 -10.17 -22.89
N ASN B 75 1.82 -9.74 -23.59
CA ASN B 75 0.56 -10.49 -23.66
C ASN B 75 0.53 -11.26 -24.96
N TYR B 76 0.45 -12.59 -24.86
CA TYR B 76 0.51 -13.47 -26.03
C TYR B 76 -0.87 -13.77 -26.60
N ILE B 77 -1.92 -13.09 -26.12
CA ILE B 77 -3.25 -13.17 -26.74
C ILE B 77 -3.55 -11.90 -27.54
N HIS B 78 -3.45 -10.73 -26.89
CA HIS B 78 -3.63 -9.45 -27.58
C HIS B 78 -2.37 -9.01 -28.32
N ARG B 79 -1.24 -9.66 -28.06
CA ARG B 79 0.03 -9.37 -28.72
C ARG B 79 0.39 -7.89 -28.56
N ASN B 80 0.51 -7.47 -27.31
CA ASN B 80 1.00 -6.15 -26.97
C ASN B 80 1.99 -6.25 -25.83
N CYS B 81 3.06 -5.46 -25.91
CA CYS B 81 4.11 -5.43 -24.90
C CYS B 81 4.48 -3.99 -24.60
N GLU B 82 4.71 -3.70 -23.32
CA GLU B 82 5.20 -2.39 -22.91
C GLU B 82 6.71 -2.34 -23.07
N ILE B 83 7.23 -1.18 -23.47
CA ILE B 83 8.66 -1.00 -23.66
C ILE B 83 9.16 0.07 -22.69
N GLN B 84 10.33 -0.18 -22.10
CA GLN B 84 10.94 0.76 -21.17
C GLN B 84 12.42 0.84 -21.49
N ILE B 85 13.03 2.01 -21.21
CA ILE B 85 14.42 2.23 -21.55
C ILE B 85 15.04 3.15 -20.49
N ILE B 86 16.32 2.91 -20.20
CA ILE B 86 17.10 3.75 -19.31
C ILE B 86 18.55 3.75 -19.78
N ILE B 87 19.05 4.90 -20.21
CA ILE B 87 20.47 5.09 -20.51
C ILE B 87 21.08 5.87 -19.36
N LYS B 88 22.20 5.36 -18.82
CA LYS B 88 22.82 6.01 -17.68
C LYS B 88 23.07 7.48 -18.00
N PRO B 89 22.88 8.39 -17.04
CA PRO B 89 23.05 9.81 -17.36
C PRO B 89 24.42 10.17 -17.90
N GLU B 90 25.47 9.42 -17.52
CA GLU B 90 26.81 9.74 -17.96
C GLU B 90 27.04 9.45 -19.43
N PHE B 91 26.15 8.69 -20.08
CA PHE B 91 26.24 8.39 -21.50
C PHE B 91 25.19 9.14 -22.32
N SER B 92 24.69 10.26 -21.80
CA SER B 92 23.65 11.01 -22.49
C SER B 92 24.22 11.74 -23.69
N GLY B 93 23.36 11.99 -24.68
CA GLY B 93 23.72 12.76 -25.84
C GLY B 93 24.46 11.99 -26.92
N LYS B 94 24.81 10.72 -26.68
CA LYS B 94 25.50 9.92 -27.67
C LYS B 94 24.55 9.08 -28.52
N GLY B 95 23.24 9.34 -28.45
CA GLY B 95 22.28 8.65 -29.29
C GLY B 95 21.98 7.22 -28.92
N TYR B 96 22.49 6.74 -27.77
CA TYR B 96 22.30 5.34 -27.41
C TYR B 96 20.81 5.01 -27.29
N ALA B 97 20.02 5.93 -26.72
CA ALA B 97 18.59 5.66 -26.53
C ALA B 97 17.92 5.33 -27.86
N LYS B 98 18.21 6.12 -28.90
CA LYS B 98 17.60 5.90 -30.20
C LYS B 98 17.89 4.49 -30.71
N PHE B 99 19.17 4.12 -30.79
CA PHE B 99 19.54 2.84 -31.38
C PHE B 99 19.02 1.68 -30.54
N ALA B 100 19.11 1.79 -29.22
CA ALA B 100 18.62 0.71 -28.37
C ALA B 100 17.11 0.54 -28.49
N PHE B 101 16.37 1.65 -28.53
CA PHE B 101 14.93 1.58 -28.73
C PHE B 101 14.60 0.97 -30.08
N GLU B 102 15.37 1.30 -31.10
CA GLU B 102 15.14 0.73 -32.43
C GLU B 102 15.34 -0.78 -32.41
N LYS B 103 16.43 -1.25 -31.81
CA LYS B 103 16.69 -2.68 -31.73
C LYS B 103 15.61 -3.38 -30.90
N ALA B 104 15.11 -2.71 -29.86
CA ALA B 104 14.06 -3.32 -29.04
C ALA B 104 12.75 -3.42 -29.82
N ILE B 105 12.43 -2.41 -30.63
CA ILE B 105 11.27 -2.49 -31.50
C ILE B 105 11.42 -3.67 -32.47
N ILE B 106 12.60 -3.79 -33.07
CA ILE B 106 12.84 -4.87 -34.01
C ILE B 106 12.67 -6.23 -33.32
N TYR B 107 13.15 -6.34 -32.07
CA TYR B 107 13.00 -7.59 -31.35
C TYR B 107 11.54 -7.89 -31.06
N ALA B 108 10.80 -6.89 -30.58
CA ALA B 108 9.40 -7.10 -30.24
C ALA B 108 8.58 -7.52 -31.45
N PHE B 109 8.87 -6.95 -32.61
CA PHE B 109 8.06 -7.25 -33.79
C PHE B 109 8.53 -8.49 -34.53
N ASN B 110 9.82 -8.58 -34.84
CA ASN B 110 10.33 -9.61 -35.74
C ASN B 110 10.61 -10.94 -35.06
N ILE B 111 10.73 -10.96 -33.73
CA ILE B 111 11.06 -12.17 -32.98
C ILE B 111 9.92 -12.60 -32.07
N LEU B 112 9.42 -11.68 -31.24
CA LEU B 112 8.28 -11.98 -30.38
C LEU B 112 6.96 -11.96 -31.13
N ASN B 113 6.96 -11.59 -32.41
CA ASN B 113 5.75 -11.61 -33.23
C ASN B 113 4.62 -10.82 -32.58
N MET B 114 4.98 -9.68 -31.99
CA MET B 114 4.00 -8.83 -31.34
C MET B 114 3.29 -7.96 -32.37
N HIS B 115 2.04 -7.61 -32.07
CA HIS B 115 1.21 -6.82 -32.97
C HIS B 115 1.20 -5.34 -32.63
N LYS B 116 1.63 -4.97 -31.42
CA LYS B 116 1.61 -3.57 -31.00
C LYS B 116 2.54 -3.42 -29.80
N ILE B 117 3.25 -2.29 -29.76
CA ILE B 117 4.10 -1.94 -28.63
C ILE B 117 3.52 -0.66 -28.02
N TYR B 118 3.54 -0.57 -26.69
CA TYR B 118 3.01 0.61 -26.01
C TYR B 118 3.98 1.03 -24.91
N LEU B 119 3.74 2.21 -24.37
CA LEU B 119 4.63 2.77 -23.36
C LEU B 119 3.97 3.99 -22.71
N TYR B 120 4.39 4.25 -21.48
CA TYR B 120 3.98 5.44 -20.73
C TYR B 120 5.17 6.38 -20.63
N VAL B 121 4.95 7.66 -20.88
CA VAL B 121 6.03 8.65 -20.82
C VAL B 121 5.52 9.90 -20.12
N ASP B 122 6.27 10.37 -19.13
CA ASP B 122 5.90 11.60 -18.44
C ASP B 122 5.69 12.73 -19.43
N ALA B 123 4.60 13.49 -19.22
CA ALA B 123 4.26 14.56 -20.16
C ALA B 123 5.32 15.65 -20.18
N ASP B 124 6.02 15.87 -19.07
CA ASP B 124 7.07 16.87 -19.01
C ASP B 124 8.37 16.42 -19.67
N ASN B 125 8.47 15.14 -20.05
CA ASN B 125 9.68 14.59 -20.65
C ASN B 125 9.53 14.65 -22.17
N LYS B 126 9.74 15.85 -22.72
CA LYS B 126 9.59 16.03 -24.16
C LYS B 126 10.69 15.33 -24.94
N LYS B 127 11.86 15.12 -24.32
CA LYS B 127 12.95 14.43 -25.00
C LYS B 127 12.56 13.00 -25.36
N ALA B 128 12.05 12.25 -24.37
CA ALA B 128 11.64 10.88 -24.63
C ALA B 128 10.50 10.83 -25.63
N ILE B 129 9.58 11.80 -25.56
CA ILE B 129 8.47 11.84 -26.51
C ILE B 129 9.00 12.05 -27.93
N HIS B 130 9.96 12.96 -28.09
CA HIS B 130 10.54 13.19 -29.41
C HIS B 130 11.25 11.94 -29.92
N ILE B 131 12.02 11.27 -29.06
CA ILE B 131 12.72 10.07 -29.47
C ILE B 131 11.72 9.01 -29.92
N TYR B 132 10.65 8.81 -29.14
CA TYR B 132 9.65 7.80 -29.50
C TYR B 132 8.94 8.16 -30.80
N GLU B 133 8.62 9.44 -30.98
CA GLU B 133 7.96 9.85 -32.22
C GLU B 133 8.87 9.61 -33.42
N SER B 134 10.18 9.83 -33.26
CA SER B 134 11.10 9.58 -34.34
C SER B 134 11.05 8.12 -34.79
N GLN B 135 10.77 7.21 -33.85
CA GLN B 135 10.71 5.78 -34.15
C GLN B 135 9.36 5.33 -34.65
N GLY B 136 8.36 6.21 -34.70
CA GLY B 136 7.06 5.89 -35.25
C GLY B 136 5.93 5.79 -34.25
N PHE B 137 6.15 6.15 -32.99
CA PHE B 137 5.11 6.08 -31.99
C PHE B 137 4.16 7.27 -32.09
N LYS B 138 2.88 7.02 -31.82
CA LYS B 138 1.85 8.03 -31.87
C LYS B 138 1.11 8.05 -30.55
N THR B 139 0.87 9.26 -30.02
CA THR B 139 0.15 9.41 -28.77
C THR B 139 -1.29 8.92 -28.94
N GLU B 140 -1.72 8.03 -28.06
CA GLU B 140 -3.07 7.49 -28.07
C GLU B 140 -3.91 7.93 -26.88
N GLY B 141 -3.32 8.62 -25.90
CA GLY B 141 -4.07 9.08 -24.77
C GLY B 141 -3.17 9.83 -23.81
N LEU B 142 -3.80 10.62 -22.95
CA LEU B 142 -3.11 11.39 -21.92
C LEU B 142 -3.75 11.06 -20.58
N LEU B 143 -3.07 10.25 -19.79
CA LEU B 143 -3.53 9.90 -18.44
C LEU B 143 -3.09 11.01 -17.49
N LYS B 144 -4.06 11.70 -16.89
CA LYS B 144 -3.81 12.90 -16.12
C LYS B 144 -3.84 12.57 -14.64
N GLU B 145 -2.77 12.94 -13.93
CA GLU B 145 -2.64 12.59 -12.51
C GLU B 145 -2.70 11.09 -12.31
N GLN B 146 -2.18 10.36 -13.30
CA GLN B 146 -2.08 8.91 -13.25
C GLN B 146 -0.90 8.43 -12.42
N PHE B 147 0.14 9.25 -12.27
CA PHE B 147 1.30 8.85 -11.49
C PHE B 147 1.58 9.91 -10.43
N TYR B 148 2.33 9.53 -9.40
CA TYR B 148 2.68 10.46 -8.33
C TYR B 148 4.19 10.39 -8.11
N THR B 149 4.87 11.51 -8.33
CA THR B 149 6.31 11.58 -8.14
C THR B 149 6.71 13.03 -7.94
N LYS B 150 7.89 13.23 -7.36
CA LYS B 150 8.45 14.55 -7.15
C LYS B 150 7.43 15.50 -6.54
N GLY B 151 6.58 14.95 -5.66
CA GLY B 151 5.66 15.74 -4.88
C GLY B 151 4.35 16.08 -5.56
N LYS B 152 4.09 15.58 -6.77
CA LYS B 152 2.90 15.95 -7.50
C LYS B 152 2.34 14.74 -8.24
N TYR B 153 1.04 14.79 -8.53
CA TYR B 153 0.39 13.84 -9.43
C TYR B 153 0.72 14.26 -10.86
N LYS B 154 1.65 13.56 -11.49
CA LYS B 154 2.06 13.84 -12.86
C LYS B 154 1.25 13.05 -13.86
N ASP B 155 1.07 13.65 -15.03
CA ASP B 155 0.36 13.09 -16.17
C ASP B 155 1.34 12.40 -17.11
N ALA B 156 0.85 11.39 -17.83
CA ALA B 156 1.69 10.61 -18.73
C ALA B 156 0.95 10.38 -20.05
N TYR B 157 1.71 10.48 -21.14
CA TYR B 157 1.20 10.12 -22.46
C TYR B 157 1.37 8.62 -22.67
N PHE B 158 0.31 7.99 -23.18
CA PHE B 158 0.32 6.58 -23.54
C PHE B 158 0.61 6.50 -25.04
N MET B 159 1.87 6.29 -25.39
CA MET B 159 2.28 6.20 -26.79
C MET B 159 2.35 4.73 -27.21
N SER B 160 2.25 4.50 -28.51
CA SER B 160 2.27 3.13 -29.02
C SER B 160 2.54 3.12 -30.52
N LEU B 161 2.88 1.95 -31.01
CA LEU B 161 3.25 1.72 -32.40
C LEU B 161 2.74 0.36 -32.83
N LEU B 162 2.01 0.33 -33.95
CA LEU B 162 1.54 -0.91 -34.53
C LEU B 162 2.56 -1.47 -35.51
N LYS B 163 2.60 -2.80 -35.62
CA LYS B 163 3.52 -3.44 -36.55
C LYS B 163 3.23 -3.03 -38.00
N SER B 164 1.95 -2.81 -38.32
CA SER B 164 1.60 -2.35 -39.67
C SER B 164 2.22 -1.00 -39.95
N GLU B 165 2.11 -0.06 -39.01
CA GLU B 165 2.74 1.25 -39.18
C GLU B 165 4.25 1.14 -39.25
N TYR B 166 4.83 0.09 -38.69
CA TYR B 166 6.28 -0.05 -38.67
C TYR B 166 6.81 -0.65 -39.97
N ILE B 167 6.09 -1.59 -40.56
CA ILE B 167 6.58 -2.22 -41.78
C ILE B 167 6.63 -1.23 -42.93
N LEU B 168 5.80 -0.19 -42.90
CA LEU B 168 5.77 0.80 -43.97
C LEU B 168 7.15 1.43 -44.17
N ALA C 3 -33.20 -4.79 -1.54
CA ALA C 3 -31.99 -4.26 -0.86
C ALA C 3 -30.72 -4.90 -1.43
N MET C 4 -29.97 -4.11 -2.19
CA MET C 4 -28.76 -4.58 -2.83
C MET C 4 -27.54 -4.29 -1.95
N LYS C 5 -26.42 -4.93 -2.28
CA LYS C 5 -25.19 -4.72 -1.53
C LYS C 5 -24.03 -5.38 -2.25
N LEU C 6 -22.86 -4.78 -2.09
CA LEU C 6 -21.58 -5.38 -2.49
C LEU C 6 -20.96 -6.04 -1.28
N ARG C 7 -20.51 -7.28 -1.45
CA ARG C 7 -20.06 -8.11 -0.35
C ARG C 7 -18.76 -8.80 -0.72
N ALA C 8 -17.78 -8.75 0.18
CA ALA C 8 -16.47 -9.32 -0.12
C ALA C 8 -16.61 -10.72 -0.71
N LEU C 9 -15.92 -10.94 -1.84
CA LEU C 9 -15.98 -12.24 -2.51
C LEU C 9 -15.57 -13.35 -1.56
N GLU C 10 -16.29 -14.46 -1.62
CA GLU C 10 -16.05 -15.62 -0.78
C GLU C 10 -15.75 -16.84 -1.64
N TYR C 11 -14.99 -17.78 -1.07
CA TYR C 11 -14.72 -19.03 -1.76
C TYR C 11 -16.02 -19.69 -2.20
N SER C 12 -17.01 -19.72 -1.30
CA SER C 12 -18.29 -20.35 -1.64
C SER C 12 -18.93 -19.71 -2.86
N ASP C 13 -18.69 -18.41 -3.08
CA ASP C 13 -19.29 -17.73 -4.22
C ASP C 13 -18.63 -18.11 -5.54
N LEU C 14 -17.42 -18.66 -5.50
CA LEU C 14 -16.67 -18.91 -6.74
C LEU C 14 -17.53 -19.64 -7.76
N LEU C 15 -18.38 -20.57 -7.31
CA LEU C 15 -19.30 -21.26 -8.20
C LEU C 15 -19.94 -20.29 -9.18
N PHE C 16 -20.72 -19.34 -8.66
CA PHE C 16 -21.31 -18.30 -9.50
C PHE C 16 -20.25 -17.71 -10.43
N VAL C 17 -19.17 -17.19 -9.83
CA VAL C 17 -18.13 -16.53 -10.62
C VAL C 17 -17.64 -17.45 -11.74
N HIS C 18 -17.51 -18.74 -11.43
CA HIS C 18 -17.11 -19.69 -12.46
C HIS C 18 -18.08 -19.65 -13.63
N GLU C 19 -19.36 -19.89 -13.35
CA GLU C 19 -20.39 -19.80 -14.39
C GLU C 19 -20.39 -18.44 -15.06
N LEU C 20 -19.80 -17.43 -14.42
CA LEU C 20 -19.71 -16.10 -14.99
C LEU C 20 -18.47 -15.91 -15.84
N ASN C 21 -17.37 -16.57 -15.50
CA ASN C 21 -16.09 -16.38 -16.18
C ASN C 21 -15.90 -17.29 -17.38
N ASN C 22 -16.81 -18.24 -17.61
CA ASN C 22 -16.74 -19.12 -18.77
C ASN C 22 -17.79 -18.79 -19.83
N GLU C 23 -18.45 -17.65 -19.71
CA GLU C 23 -19.43 -17.21 -20.69
C GLU C 23 -18.73 -16.37 -21.75
N TYR C 24 -18.71 -16.86 -22.99
CA TYR C 24 -18.05 -16.15 -24.07
C TYR C 24 -18.62 -14.75 -24.23
N SER C 25 -19.95 -14.64 -24.22
CA SER C 25 -20.60 -13.34 -24.41
C SER C 25 -20.07 -12.31 -23.41
N ILE C 26 -19.82 -12.74 -22.17
CA ILE C 26 -19.40 -11.79 -21.14
C ILE C 26 -17.90 -11.50 -21.26
N MET C 27 -17.08 -12.55 -21.32
CA MET C 27 -15.64 -12.34 -21.36
C MET C 27 -15.21 -11.57 -22.60
N SER C 28 -15.96 -11.69 -23.70
CA SER C 28 -15.60 -10.98 -24.93
C SER C 28 -15.57 -9.47 -24.69
N TYR C 29 -16.63 -8.93 -24.10
CA TYR C 29 -16.64 -7.50 -23.79
C TYR C 29 -15.60 -7.16 -22.73
N TRP C 30 -15.30 -8.09 -21.82
CA TRP C 30 -14.28 -7.91 -20.80
C TRP C 30 -12.88 -8.09 -21.34
N PHE C 31 -12.72 -8.40 -22.62
CA PHE C 31 -11.44 -8.70 -23.26
C PHE C 31 -10.77 -9.92 -22.64
N GLU C 32 -11.49 -10.71 -21.85
CA GLU C 32 -10.95 -11.89 -21.21
C GLU C 32 -11.16 -13.11 -22.10
N GLU C 33 -10.71 -14.27 -21.61
CA GLU C 33 -10.89 -15.54 -22.30
C GLU C 33 -11.94 -16.37 -21.59
N PRO C 34 -12.90 -16.98 -22.31
CA PRO C 34 -13.95 -17.79 -21.66
C PRO C 34 -13.49 -19.21 -21.31
N TYR C 35 -12.37 -19.30 -20.60
CA TYR C 35 -11.81 -20.58 -20.18
C TYR C 35 -11.18 -20.39 -18.80
N GLU C 36 -11.75 -21.05 -17.79
CA GLU C 36 -11.19 -21.01 -16.45
C GLU C 36 -11.82 -22.10 -15.59
N SER C 37 -11.16 -23.26 -15.53
CA SER C 37 -11.67 -24.37 -14.72
C SER C 37 -11.90 -23.91 -13.29
N LEU C 38 -12.91 -24.50 -12.65
CA LEU C 38 -13.21 -24.14 -11.26
C LEU C 38 -11.98 -24.34 -10.38
N THR C 39 -11.16 -25.35 -10.68
CA THR C 39 -9.94 -25.56 -9.90
C THR C 39 -8.97 -24.39 -10.07
N GLU C 40 -8.82 -23.91 -11.31
CA GLU C 40 -7.96 -22.74 -11.54
C GLU C 40 -8.50 -21.51 -10.81
N LEU C 41 -9.82 -21.32 -10.82
CA LEU C 41 -10.41 -20.19 -10.11
C LEU C 41 -10.14 -20.28 -8.62
N GLN C 42 -10.34 -21.46 -8.03
CA GLN C 42 -10.07 -21.63 -6.61
C GLN C 42 -8.59 -21.43 -6.30
N HIS C 43 -7.71 -21.90 -7.18
CA HIS C 43 -6.28 -21.71 -6.98
C HIS C 43 -5.91 -20.24 -7.00
N LEU C 44 -6.48 -19.47 -7.93
CA LEU C 44 -6.19 -18.04 -7.97
C LEU C 44 -6.81 -17.31 -6.78
N PHE C 45 -7.97 -17.76 -6.31
CA PHE C 45 -8.56 -17.16 -5.11
C PHE C 45 -7.64 -17.36 -3.91
N ASP C 46 -7.15 -18.59 -3.72
CA ASP C 46 -6.22 -18.85 -2.62
C ASP C 46 -4.92 -18.07 -2.82
N LYS C 47 -4.46 -17.96 -4.07
CA LYS C 47 -3.19 -17.28 -4.34
C LYS C 47 -3.28 -15.81 -3.97
N HIS C 48 -4.33 -15.13 -4.41
CA HIS C 48 -4.50 -13.70 -4.17
C HIS C 48 -5.34 -13.41 -2.94
N LEU C 49 -5.42 -14.35 -1.99
CA LEU C 49 -6.20 -14.12 -0.78
C LEU C 49 -5.69 -12.91 -0.02
N LEU C 50 -4.38 -12.78 0.11
CA LEU C 50 -3.76 -11.67 0.85
C LEU C 50 -3.22 -10.58 -0.08
N ASP C 51 -3.54 -10.64 -1.36
CA ASP C 51 -3.07 -9.63 -2.32
C ASP C 51 -3.82 -8.32 -2.06
N GLU C 52 -3.10 -7.34 -1.50
CA GLU C 52 -3.70 -6.05 -1.18
C GLU C 52 -3.89 -5.17 -2.40
N SER C 53 -3.48 -5.62 -3.59
CA SER C 53 -3.70 -4.88 -4.82
C SER C 53 -5.04 -5.20 -5.47
N GLU C 54 -5.92 -5.91 -4.76
CA GLU C 54 -7.20 -6.33 -5.31
C GLU C 54 -8.29 -6.22 -4.26
N ARG C 55 -9.53 -6.16 -4.74
CA ARG C 55 -10.70 -6.24 -3.87
C ARG C 55 -11.88 -6.64 -4.75
N ARG C 56 -12.33 -7.88 -4.62
CA ARG C 56 -13.37 -8.45 -5.47
C ARG C 56 -14.66 -8.54 -4.66
N PHE C 57 -15.65 -7.75 -5.04
CA PHE C 57 -16.95 -7.73 -4.40
C PHE C 57 -17.96 -8.51 -5.24
N ILE C 58 -18.99 -9.02 -4.57
CA ILE C 58 -20.12 -9.68 -5.20
C ILE C 58 -21.33 -8.78 -5.03
N VAL C 59 -21.98 -8.45 -6.15
CA VAL C 59 -23.21 -7.67 -6.14
C VAL C 59 -24.37 -8.63 -5.95
N GLU C 60 -25.13 -8.44 -4.86
CA GLU C 60 -26.27 -9.28 -4.55
C GLU C 60 -27.46 -8.41 -4.17
N ASP C 61 -28.63 -8.77 -4.67
CA ASP C 61 -29.86 -8.05 -4.37
C ASP C 61 -30.44 -8.62 -3.08
N GLU C 62 -31.75 -8.42 -2.86
CA GLU C 62 -32.39 -8.96 -1.66
C GLU C 62 -32.36 -10.49 -1.63
N ASN C 63 -32.23 -11.13 -2.78
CA ASN C 63 -32.29 -12.59 -2.85
C ASN C 63 -30.99 -13.20 -3.32
N GLN C 64 -30.78 -13.27 -4.64
CA GLN C 64 -29.65 -13.99 -5.20
C GLN C 64 -28.50 -13.04 -5.53
N VAL C 65 -27.33 -13.65 -5.78
CA VAL C 65 -26.17 -12.91 -6.26
C VAL C 65 -26.38 -12.58 -7.72
N VAL C 66 -26.23 -11.30 -8.08
CA VAL C 66 -26.54 -10.84 -9.42
C VAL C 66 -25.30 -10.59 -10.24
N GLY C 67 -24.19 -10.25 -9.62
CA GLY C 67 -23.00 -9.98 -10.37
C GLY C 67 -21.77 -9.86 -9.50
N ILE C 68 -20.73 -9.26 -10.08
CA ILE C 68 -19.46 -9.07 -9.40
C ILE C 68 -18.88 -7.72 -9.80
N VAL C 69 -18.18 -7.08 -8.86
CA VAL C 69 -17.37 -5.90 -9.12
C VAL C 69 -15.96 -6.22 -8.66
N GLU C 70 -14.99 -5.49 -9.21
CA GLU C 70 -13.61 -5.74 -8.86
C GLU C 70 -12.80 -4.45 -8.98
N LEU C 71 -12.13 -4.09 -7.88
CA LEU C 71 -11.15 -3.01 -7.85
C LEU C 71 -9.77 -3.67 -7.84
N VAL C 72 -9.14 -3.72 -9.01
CA VAL C 72 -7.89 -4.44 -9.17
C VAL C 72 -6.76 -3.45 -9.45
N GLU C 73 -5.53 -3.96 -9.52
CA GLU C 73 -4.35 -3.15 -9.82
C GLU C 73 -4.30 -1.92 -8.92
N ILE C 74 -4.71 -2.09 -7.66
CA ILE C 74 -4.69 -0.99 -6.71
C ILE C 74 -3.24 -0.60 -6.42
N ASN C 75 -2.93 0.69 -6.61
CA ASN C 75 -1.59 1.22 -6.39
C ASN C 75 -1.69 2.26 -5.28
N TYR C 76 -0.91 2.06 -4.22
CA TYR C 76 -0.97 2.91 -3.04
C TYR C 76 0.08 4.02 -3.04
N ILE C 77 0.86 4.15 -4.08
CA ILE C 77 1.74 5.29 -4.26
C ILE C 77 1.12 6.31 -5.19
N HIS C 78 0.72 5.85 -6.38
CA HIS C 78 0.01 6.69 -7.32
C HIS C 78 -1.46 6.87 -6.95
N ARG C 79 -1.99 6.01 -6.07
CA ARG C 79 -3.37 6.10 -5.61
C ARG C 79 -4.34 6.01 -6.79
N ASN C 80 -4.29 4.89 -7.50
CA ASN C 80 -5.25 4.62 -8.56
C ASN C 80 -5.45 3.11 -8.68
N CYS C 81 -6.58 2.74 -9.27
CA CYS C 81 -6.95 1.34 -9.41
C CYS C 81 -7.91 1.19 -10.58
N GLU C 82 -7.94 0.00 -11.16
CA GLU C 82 -8.86 -0.31 -12.24
C GLU C 82 -10.16 -0.86 -11.66
N ILE C 83 -11.28 -0.47 -12.28
CA ILE C 83 -12.61 -0.92 -11.88
C ILE C 83 -13.18 -1.77 -13.01
N GLN C 84 -13.86 -2.86 -12.65
CA GLN C 84 -14.48 -3.71 -13.65
C GLN C 84 -15.69 -4.42 -13.05
N ILE C 85 -16.83 -4.32 -13.74
CA ILE C 85 -18.08 -4.92 -13.28
C ILE C 85 -18.55 -5.93 -14.31
N ILE C 86 -19.22 -6.98 -13.82
CA ILE C 86 -19.80 -8.02 -14.65
C ILE C 86 -21.12 -8.42 -14.01
N ILE C 87 -22.24 -8.06 -14.65
CA ILE C 87 -23.57 -8.45 -14.21
C ILE C 87 -24.04 -9.61 -15.09
N LYS C 88 -24.62 -10.64 -14.46
CA LYS C 88 -25.09 -11.78 -15.23
C LYS C 88 -26.12 -11.31 -16.27
N PRO C 89 -26.06 -11.80 -17.50
CA PRO C 89 -27.05 -11.39 -18.51
C PRO C 89 -28.48 -11.64 -18.08
N GLU C 90 -28.72 -12.59 -17.16
CA GLU C 90 -30.08 -12.87 -16.73
C GLU C 90 -30.64 -11.74 -15.88
N PHE C 91 -29.79 -11.06 -15.11
CA PHE C 91 -30.21 -9.97 -14.25
C PHE C 91 -29.88 -8.60 -14.84
N SER C 92 -29.65 -8.53 -16.15
CA SER C 92 -29.33 -7.27 -16.80
C SER C 92 -30.59 -6.40 -16.92
N GLY C 93 -30.36 -5.09 -16.99
CA GLY C 93 -31.43 -4.13 -17.12
C GLY C 93 -32.10 -3.73 -15.83
N LYS C 94 -31.80 -4.40 -14.72
CA LYS C 94 -32.40 -4.07 -13.44
C LYS C 94 -31.70 -2.91 -12.74
N GLY C 95 -30.73 -2.27 -13.38
CA GLY C 95 -29.97 -1.21 -12.75
C GLY C 95 -28.91 -1.66 -11.78
N TYR C 96 -28.65 -2.97 -11.68
CA TYR C 96 -27.62 -3.47 -10.78
C TYR C 96 -26.26 -2.86 -11.10
N ALA C 97 -25.95 -2.73 -12.40
CA ALA C 97 -24.63 -2.25 -12.79
C ALA C 97 -24.37 -0.86 -12.24
N LYS C 98 -25.35 0.04 -12.35
CA LYS C 98 -25.15 1.41 -11.90
C LYS C 98 -24.96 1.47 -10.39
N PHE C 99 -25.80 0.74 -9.65
CA PHE C 99 -25.68 0.71 -8.19
C PHE C 99 -24.32 0.20 -7.77
N ALA C 100 -23.89 -0.93 -8.35
CA ALA C 100 -22.61 -1.51 -7.97
C ALA C 100 -21.45 -0.61 -8.36
N PHE C 101 -21.56 0.08 -9.50
CA PHE C 101 -20.52 1.00 -9.93
C PHE C 101 -20.39 2.16 -8.96
N GLU C 102 -21.53 2.72 -8.54
CA GLU C 102 -21.49 3.80 -7.55
C GLU C 102 -20.89 3.31 -6.24
N LYS C 103 -21.30 2.13 -5.78
CA LYS C 103 -20.74 1.58 -4.55
C LYS C 103 -19.22 1.41 -4.66
N ALA C 104 -18.75 0.92 -5.81
CA ALA C 104 -17.31 0.70 -5.97
C ALA C 104 -16.54 2.00 -6.01
N ILE C 105 -17.08 3.02 -6.69
CA ILE C 105 -16.41 4.32 -6.71
C ILE C 105 -16.34 4.89 -5.30
N ILE C 106 -17.44 4.79 -4.55
CA ILE C 106 -17.44 5.28 -3.17
C ILE C 106 -16.40 4.53 -2.35
N TYR C 107 -16.31 3.21 -2.53
CA TYR C 107 -15.33 2.44 -1.78
C TYR C 107 -13.91 2.88 -2.12
N ALA C 108 -13.62 3.06 -3.41
CA ALA C 108 -12.26 3.42 -3.81
C ALA C 108 -11.87 4.80 -3.32
N PHE C 109 -12.81 5.76 -3.37
CA PHE C 109 -12.46 7.14 -3.02
C PHE C 109 -12.52 7.41 -1.52
N ASN C 110 -13.51 6.87 -0.81
CA ASN C 110 -13.72 7.20 0.59
C ASN C 110 -13.12 6.20 1.57
N ILE C 111 -12.84 4.97 1.13
CA ILE C 111 -12.27 3.94 2.00
C ILE C 111 -10.81 3.68 1.65
N LEU C 112 -10.55 3.27 0.40
CA LEU C 112 -9.18 3.04 -0.02
C LEU C 112 -8.39 4.33 -0.22
N ASN C 113 -9.04 5.48 -0.09
CA ASN C 113 -8.36 6.78 -0.21
C ASN C 113 -7.65 6.91 -1.56
N MET C 114 -8.31 6.44 -2.62
CA MET C 114 -7.74 6.54 -3.94
C MET C 114 -7.85 7.97 -4.47
N HIS C 115 -7.00 8.28 -5.45
CA HIS C 115 -7.00 9.58 -6.09
C HIS C 115 -7.53 9.55 -7.52
N LYS C 116 -7.70 8.37 -8.10
CA LYS C 116 -8.16 8.25 -9.48
C LYS C 116 -8.54 6.82 -9.81
N ILE C 117 -9.73 6.61 -10.38
CA ILE C 117 -10.16 5.30 -10.85
C ILE C 117 -10.07 5.30 -12.36
N TYR C 118 -9.85 4.13 -12.95
CA TYR C 118 -9.79 4.02 -14.40
C TYR C 118 -10.34 2.66 -14.83
N LEU C 119 -10.55 2.52 -16.13
CA LEU C 119 -11.14 1.31 -16.68
C LEU C 119 -10.86 1.26 -18.18
N TYR C 120 -10.93 0.05 -18.72
CA TYR C 120 -10.82 -0.22 -20.15
C TYR C 120 -12.16 -0.73 -20.65
N VAL C 121 -12.68 -0.13 -21.71
CA VAL C 121 -13.95 -0.54 -22.29
C VAL C 121 -13.79 -0.64 -23.80
N ASP C 122 -14.63 -1.47 -24.41
CA ASP C 122 -14.60 -1.61 -25.86
C ASP C 122 -15.20 -0.36 -26.52
N ALA C 123 -14.57 0.09 -27.60
CA ALA C 123 -15.04 1.30 -28.27
C ALA C 123 -16.44 1.11 -28.83
N ASP C 124 -16.79 -0.10 -29.25
CA ASP C 124 -18.11 -0.36 -29.82
C ASP C 124 -19.18 -0.61 -28.76
N ASN C 125 -18.80 -0.78 -27.50
CA ASN C 125 -19.74 -1.07 -26.42
C ASN C 125 -20.25 0.26 -25.86
N LYS C 126 -21.21 0.84 -26.58
CA LYS C 126 -21.71 2.17 -26.24
C LYS C 126 -22.52 2.18 -24.95
N LYS C 127 -23.08 1.05 -24.54
CA LYS C 127 -23.87 1.03 -23.30
C LYS C 127 -22.98 1.21 -22.09
N ALA C 128 -21.90 0.45 -22.00
CA ALA C 128 -20.97 0.59 -20.88
C ALA C 128 -20.36 1.99 -20.85
N ILE C 129 -19.98 2.51 -22.01
CA ILE C 129 -19.43 3.86 -22.08
C ILE C 129 -20.48 4.87 -21.61
N HIS C 130 -21.74 4.65 -21.97
CA HIS C 130 -22.81 5.54 -21.54
C HIS C 130 -22.93 5.55 -20.02
N ILE C 131 -22.98 4.37 -19.41
CA ILE C 131 -23.07 4.29 -17.96
C ILE C 131 -21.87 4.98 -17.31
N TYR C 132 -20.66 4.72 -17.83
CA TYR C 132 -19.46 5.30 -17.23
C TYR C 132 -19.48 6.81 -17.31
N GLU C 133 -19.74 7.35 -18.51
CA GLU C 133 -19.83 8.81 -18.65
C GLU C 133 -20.94 9.39 -17.79
N SER C 134 -22.00 8.63 -17.55
CA SER C 134 -23.02 9.08 -16.63
C SER C 134 -22.48 9.17 -15.21
N GLN C 135 -21.59 8.24 -14.85
CA GLN C 135 -21.02 8.26 -13.50
C GLN C 135 -19.91 9.30 -13.34
N GLY C 136 -19.22 9.64 -14.42
CA GLY C 136 -18.22 10.70 -14.36
C GLY C 136 -16.98 10.44 -15.18
N PHE C 137 -16.79 9.21 -15.63
CA PHE C 137 -15.56 8.84 -16.33
C PHE C 137 -15.46 9.57 -17.67
N LYS C 138 -14.26 10.07 -17.97
CA LYS C 138 -13.97 10.74 -19.23
C LYS C 138 -12.99 9.89 -20.03
N THR C 139 -13.25 9.77 -21.33
CA THR C 139 -12.38 8.99 -22.21
C THR C 139 -11.03 9.69 -22.31
N GLU C 140 -10.03 9.17 -21.59
CA GLU C 140 -8.70 9.76 -21.61
C GLU C 140 -7.80 9.19 -22.69
N GLY C 141 -8.13 8.03 -23.26
CA GLY C 141 -7.31 7.47 -24.32
C GLY C 141 -8.09 6.53 -25.20
N LEU C 142 -7.63 6.40 -26.45
CA LEU C 142 -8.14 5.41 -27.39
C LEU C 142 -6.96 4.51 -27.78
N LEU C 143 -6.92 3.31 -27.23
CA LEU C 143 -5.89 2.33 -27.55
C LEU C 143 -6.37 1.52 -28.75
N LYS C 144 -5.77 1.78 -29.91
CA LYS C 144 -6.23 1.18 -31.16
C LYS C 144 -5.66 -0.23 -31.31
N GLU C 145 -6.56 -1.20 -31.53
CA GLU C 145 -6.17 -2.59 -31.68
C GLU C 145 -5.41 -3.09 -30.45
N GLN C 146 -5.81 -2.58 -29.28
CA GLN C 146 -5.13 -2.97 -28.04
C GLN C 146 -5.52 -4.38 -27.62
N PHE C 147 -6.70 -4.85 -28.00
CA PHE C 147 -7.16 -6.17 -27.58
C PHE C 147 -7.51 -7.00 -28.81
N TYR C 148 -7.69 -8.31 -28.58
CA TYR C 148 -8.04 -9.23 -29.66
C TYR C 148 -9.14 -10.15 -29.13
N THR C 149 -10.34 -10.03 -29.69
CA THR C 149 -11.45 -10.88 -29.28
C THR C 149 -12.37 -11.10 -30.47
N LYS C 150 -13.08 -12.23 -30.45
CA LYS C 150 -13.98 -12.62 -31.53
C LYS C 150 -13.29 -12.48 -32.89
N GLY C 151 -12.01 -12.84 -32.93
CA GLY C 151 -11.26 -12.85 -34.17
C GLY C 151 -10.89 -11.49 -34.72
N LYS C 152 -11.12 -10.42 -33.97
CA LYS C 152 -10.85 -9.08 -34.43
C LYS C 152 -10.01 -8.33 -33.40
N TYR C 153 -9.10 -7.50 -33.90
CA TYR C 153 -8.33 -6.58 -33.06
C TYR C 153 -9.23 -5.39 -32.72
N LYS C 154 -9.64 -5.31 -31.47
CA LYS C 154 -10.57 -4.28 -31.00
C LYS C 154 -9.82 -3.17 -30.29
N ASP C 155 -10.22 -1.94 -30.60
CA ASP C 155 -9.77 -0.75 -29.88
C ASP C 155 -10.51 -0.65 -28.56
N ALA C 156 -9.98 0.19 -27.66
CA ALA C 156 -10.55 0.32 -26.34
C ALA C 156 -10.39 1.75 -25.83
N TYR C 157 -11.45 2.26 -25.23
CA TYR C 157 -11.37 3.51 -24.48
C TYR C 157 -10.76 3.24 -23.11
N PHE C 158 -9.65 3.90 -22.83
CA PHE C 158 -9.14 4.05 -21.46
C PHE C 158 -9.85 5.25 -20.87
N MET C 159 -10.78 4.99 -19.95
CA MET C 159 -11.56 6.04 -19.28
C MET C 159 -11.14 6.11 -17.82
N SER C 160 -11.42 7.25 -17.19
CA SER C 160 -11.02 7.43 -15.81
C SER C 160 -11.80 8.58 -15.18
N LEU C 161 -11.78 8.59 -13.84
CA LEU C 161 -12.49 9.55 -13.04
C LEU C 161 -11.63 9.92 -11.84
N LEU C 162 -11.38 11.21 -11.66
CA LEU C 162 -10.57 11.71 -10.56
C LEU C 162 -11.44 12.00 -9.34
N LYS C 163 -10.84 11.86 -8.16
CA LYS C 163 -11.57 12.16 -6.93
C LYS C 163 -11.99 13.62 -6.90
N SER C 164 -11.13 14.52 -7.39
CA SER C 164 -11.47 15.94 -7.42
C SER C 164 -12.72 16.19 -8.26
N GLU C 165 -12.96 15.38 -9.29
CA GLU C 165 -14.15 15.51 -10.11
C GLU C 165 -15.37 14.81 -9.52
N TYR C 166 -15.19 14.04 -8.46
CA TYR C 166 -16.29 13.36 -7.79
C TYR C 166 -16.70 14.05 -6.50
N ILE C 167 -15.75 14.62 -5.76
CA ILE C 167 -16.07 15.38 -4.57
C ILE C 167 -16.91 16.61 -4.88
N LEU C 168 -16.88 17.08 -6.14
CA LEU C 168 -17.66 18.23 -6.54
C LEU C 168 -19.10 17.82 -6.85
N ALA D 3 -25.62 -12.63 33.26
CA ALA D 3 -24.27 -13.21 33.50
C ALA D 3 -23.41 -13.11 32.25
N MET D 4 -22.81 -11.94 32.03
CA MET D 4 -21.94 -11.73 30.89
C MET D 4 -20.51 -12.17 31.23
N LYS D 5 -19.77 -12.55 30.19
CA LYS D 5 -18.44 -13.10 30.39
C LYS D 5 -17.58 -12.84 29.15
N LEU D 6 -16.27 -12.91 29.36
CA LEU D 6 -15.28 -12.88 28.30
C LEU D 6 -14.68 -14.26 28.12
N ARG D 7 -14.33 -14.59 26.88
CA ARG D 7 -13.85 -15.92 26.52
C ARG D 7 -12.74 -15.78 25.49
N ALA D 8 -11.91 -16.81 25.38
CA ALA D 8 -10.85 -16.79 24.38
C ALA D 8 -11.44 -16.97 22.98
N LEU D 9 -11.03 -16.13 22.04
CA LEU D 9 -11.52 -16.23 20.68
C LEU D 9 -11.16 -17.58 20.08
N GLU D 10 -12.17 -18.29 19.59
CA GLU D 10 -12.00 -19.61 19.03
C GLU D 10 -12.17 -19.57 17.51
N TYR D 11 -11.73 -20.65 16.86
CA TYR D 11 -11.84 -20.74 15.41
C TYR D 11 -13.30 -20.80 14.97
N SER D 12 -14.17 -21.36 15.80
CA SER D 12 -15.59 -21.45 15.44
C SER D 12 -16.27 -20.09 15.52
N ASP D 13 -15.79 -19.20 16.37
CA ASP D 13 -16.41 -17.89 16.52
C ASP D 13 -16.14 -16.98 15.32
N LEU D 14 -15.14 -17.31 14.50
CA LEU D 14 -14.77 -16.43 13.39
C LEU D 14 -15.98 -16.04 12.57
N LEU D 15 -16.91 -16.98 12.34
CA LEU D 15 -18.16 -16.66 11.66
C LEU D 15 -18.74 -15.34 12.17
N PHE D 16 -19.12 -15.30 13.45
CA PHE D 16 -19.59 -14.06 14.05
C PHE D 16 -18.61 -12.92 13.75
N VAL D 17 -17.34 -13.11 14.07
CA VAL D 17 -16.34 -12.06 13.84
C VAL D 17 -16.37 -11.61 12.39
N HIS D 18 -16.53 -12.55 11.47
CA HIS D 18 -16.64 -12.18 10.06
C HIS D 18 -17.80 -11.22 9.85
N GLU D 19 -19.00 -11.61 10.28
CA GLU D 19 -20.15 -10.72 10.21
C GLU D 19 -19.85 -9.38 10.85
N LEU D 20 -18.94 -9.35 11.82
CA LEU D 20 -18.61 -8.11 12.51
C LEU D 20 -17.58 -7.30 11.74
N ASN D 21 -16.65 -7.96 11.06
CA ASN D 21 -15.57 -7.26 10.38
C ASN D 21 -15.93 -6.76 8.99
N ASN D 22 -17.06 -7.20 8.44
CA ASN D 22 -17.50 -6.76 7.12
C ASN D 22 -18.61 -5.72 7.20
N GLU D 23 -18.86 -5.15 8.37
CA GLU D 23 -19.86 -4.10 8.55
C GLU D 23 -19.17 -2.75 8.47
N TYR D 24 -19.62 -1.90 7.53
CA TYR D 24 -19.01 -0.59 7.36
C TYR D 24 -19.12 0.24 8.63
N SER D 25 -20.33 0.32 9.19
CA SER D 25 -20.57 1.18 10.35
C SER D 25 -19.70 0.76 11.53
N ILE D 26 -19.67 -0.53 11.83
CA ILE D 26 -18.92 -1.01 13.00
C ILE D 26 -17.43 -0.72 12.83
N MET D 27 -16.87 -1.12 11.69
CA MET D 27 -15.43 -0.95 11.49
C MET D 27 -15.03 0.51 11.31
N SER D 28 -15.98 1.40 11.00
CA SER D 28 -15.63 2.81 10.86
C SER D 28 -15.14 3.38 12.18
N TYR D 29 -15.76 2.97 13.29
CA TYR D 29 -15.31 3.45 14.60
C TYR D 29 -13.90 2.98 14.90
N TRP D 30 -13.57 1.74 14.54
CA TRP D 30 -12.23 1.21 14.72
C TRP D 30 -11.22 1.79 13.74
N PHE D 31 -11.66 2.67 12.82
CA PHE D 31 -10.81 3.15 11.73
C PHE D 31 -10.36 2.02 10.82
N GLU D 32 -11.06 0.89 10.86
CA GLU D 32 -10.68 -0.29 10.09
C GLU D 32 -11.43 -0.32 8.75
N GLU D 33 -10.97 -1.21 7.87
CA GLU D 33 -11.62 -1.38 6.57
C GLU D 33 -12.62 -2.52 6.64
N PRO D 34 -13.82 -2.37 6.11
CA PRO D 34 -14.84 -3.43 6.24
C PRO D 34 -14.78 -4.46 5.11
N TYR D 35 -13.58 -4.91 4.78
CA TYR D 35 -13.40 -5.95 3.76
C TYR D 35 -12.50 -7.03 4.34
N GLU D 36 -12.99 -8.26 4.39
CA GLU D 36 -12.21 -9.37 4.93
C GLU D 36 -12.96 -10.69 4.74
N SER D 37 -12.60 -11.43 3.69
CA SER D 37 -13.21 -12.73 3.44
C SER D 37 -13.02 -13.64 4.64
N LEU D 38 -13.95 -14.58 4.81
CA LEU D 38 -13.84 -15.54 5.89
C LEU D 38 -12.54 -16.34 5.79
N THR D 39 -12.11 -16.65 4.56
CA THR D 39 -10.85 -17.35 4.37
C THR D 39 -9.69 -16.51 4.90
N GLU D 40 -9.70 -15.20 4.62
CA GLU D 40 -8.65 -14.32 5.12
C GLU D 40 -8.66 -14.25 6.64
N LEU D 41 -9.86 -14.18 7.23
CA LEU D 41 -9.96 -14.14 8.69
C LEU D 41 -9.40 -15.42 9.31
N GLN D 42 -9.74 -16.58 8.74
CA GLN D 42 -9.23 -17.84 9.25
C GLN D 42 -7.71 -17.92 9.08
N HIS D 43 -7.20 -17.41 7.96
CA HIS D 43 -5.76 -17.40 7.75
C HIS D 43 -5.06 -16.55 8.80
N LEU D 44 -5.60 -15.36 9.08
CA LEU D 44 -5.00 -14.50 10.09
C LEU D 44 -5.11 -15.12 11.48
N PHE D 45 -6.20 -15.84 11.75
CA PHE D 45 -6.33 -16.52 13.03
C PHE D 45 -5.26 -17.59 13.20
N ASP D 46 -5.12 -18.46 12.19
CA ASP D 46 -4.09 -19.49 12.27
C ASP D 46 -2.70 -18.89 12.27
N LYS D 47 -2.54 -17.70 11.71
CA LYS D 47 -1.23 -17.05 11.66
C LYS D 47 -0.81 -16.56 13.04
N HIS D 48 -1.69 -15.84 13.72
CA HIS D 48 -1.40 -15.28 15.03
C HIS D 48 -1.84 -16.19 16.17
N LEU D 49 -2.01 -17.48 15.91
CA LEU D 49 -2.46 -18.39 16.96
C LEU D 49 -1.54 -18.35 18.17
N LEU D 50 -0.23 -18.39 17.93
CA LEU D 50 0.76 -18.37 18.99
C LEU D 50 1.35 -16.99 19.25
N ASP D 51 0.91 -15.97 18.50
CA ASP D 51 1.39 -14.61 18.69
C ASP D 51 1.00 -14.12 20.09
N GLU D 52 1.99 -14.00 20.97
CA GLU D 52 1.74 -13.57 22.35
C GLU D 52 1.52 -12.06 22.46
N SER D 53 1.66 -11.32 21.37
CA SER D 53 1.41 -9.88 21.38
C SER D 53 -0.06 -9.54 21.21
N GLU D 54 -0.95 -10.53 21.17
CA GLU D 54 -2.38 -10.29 21.01
C GLU D 54 -3.15 -11.16 21.97
N ARG D 55 -4.32 -10.67 22.39
CA ARG D 55 -5.24 -11.44 23.22
C ARG D 55 -6.66 -11.04 22.81
N ARG D 56 -7.21 -11.77 21.84
CA ARG D 56 -8.53 -11.49 21.31
C ARG D 56 -9.57 -12.23 22.14
N PHE D 57 -10.64 -11.52 22.53
CA PHE D 57 -11.68 -12.09 23.37
C PHE D 57 -13.04 -11.99 22.69
N ILE D 58 -13.90 -12.95 23.01
CA ILE D 58 -15.31 -12.92 22.64
C ILE D 58 -16.10 -12.50 23.88
N VAL D 59 -17.01 -11.55 23.70
CA VAL D 59 -17.91 -11.11 24.77
C VAL D 59 -19.24 -11.82 24.56
N GLU D 60 -19.71 -12.54 25.58
CA GLU D 60 -20.95 -13.30 25.45
C GLU D 60 -21.77 -13.17 26.71
N ASP D 61 -23.07 -12.92 26.55
CA ASP D 61 -23.97 -12.88 27.70
C ASP D 61 -24.43 -14.29 28.03
N GLU D 62 -25.54 -14.39 28.77
CA GLU D 62 -25.99 -15.71 29.22
C GLU D 62 -26.30 -16.63 28.04
N ASN D 63 -26.69 -16.07 26.90
CA ASN D 63 -27.14 -16.88 25.76
C ASN D 63 -26.21 -16.74 24.57
N GLN D 64 -26.18 -15.59 23.92
CA GLN D 64 -25.51 -15.42 22.63
C GLN D 64 -24.20 -14.66 22.81
N VAL D 65 -23.44 -14.63 21.71
CA VAL D 65 -22.25 -13.77 21.63
C VAL D 65 -22.69 -12.38 21.19
N VAL D 66 -22.11 -11.35 21.81
CA VAL D 66 -22.60 -9.99 21.63
C VAL D 66 -21.54 -9.10 21.01
N GLY D 67 -20.27 -9.41 21.26
CA GLY D 67 -19.21 -8.56 20.75
C GLY D 67 -17.85 -9.20 20.86
N ILE D 68 -16.83 -8.35 20.82
CA ILE D 68 -15.44 -8.80 20.83
C ILE D 68 -14.56 -7.68 21.39
N VAL D 69 -13.78 -8.00 22.42
CA VAL D 69 -12.79 -7.09 22.99
C VAL D 69 -11.42 -7.71 22.77
N GLU D 70 -10.44 -6.87 22.46
CA GLU D 70 -9.12 -7.34 22.04
C GLU D 70 -8.04 -6.48 22.68
N LEU D 71 -6.95 -7.13 23.06
CA LEU D 71 -5.75 -6.48 23.56
C LEU D 71 -4.62 -6.77 22.57
N VAL D 72 -4.13 -5.73 21.90
CA VAL D 72 -3.16 -5.88 20.84
C VAL D 72 -1.93 -5.04 21.16
N GLU D 73 -0.90 -5.19 20.31
CA GLU D 73 0.35 -4.45 20.46
C GLU D 73 0.87 -4.55 21.90
N ILE D 74 0.79 -5.75 22.47
CA ILE D 74 1.21 -5.97 23.85
C ILE D 74 2.74 -5.93 23.90
N ASN D 75 3.28 -4.92 24.55
CA ASN D 75 4.72 -4.75 24.70
C ASN D 75 5.12 -5.17 26.11
N TYR D 76 5.96 -6.19 26.21
CA TYR D 76 6.35 -6.75 27.50
C TYR D 76 7.59 -6.08 28.09
N ILE D 77 8.22 -5.16 27.37
CA ILE D 77 9.31 -4.36 27.93
C ILE D 77 8.78 -3.06 28.52
N HIS D 78 8.03 -2.30 27.74
CA HIS D 78 7.42 -1.07 28.21
C HIS D 78 6.15 -1.32 29.01
N ARG D 79 5.57 -2.52 28.93
CA ARG D 79 4.42 -2.91 29.71
C ARG D 79 3.20 -2.05 29.38
N ASN D 80 2.79 -2.12 28.11
CA ASN D 80 1.59 -1.43 27.66
C ASN D 80 0.96 -2.24 26.54
N CYS D 81 -0.28 -1.89 26.21
CA CYS D 81 -1.02 -2.58 25.16
C CYS D 81 -2.23 -1.73 24.78
N GLU D 82 -2.65 -1.85 23.52
CA GLU D 82 -3.83 -1.17 23.03
C GLU D 82 -5.07 -2.03 23.26
N ILE D 83 -6.16 -1.39 23.65
CA ILE D 83 -7.43 -2.06 23.89
C ILE D 83 -8.44 -1.61 22.84
N GLN D 84 -9.21 -2.56 22.31
CA GLN D 84 -10.19 -2.27 21.26
C GLN D 84 -11.44 -3.08 21.52
N ILE D 85 -12.57 -2.40 21.69
CA ILE D 85 -13.83 -3.04 22.05
C ILE D 85 -14.84 -2.81 20.93
N ILE D 86 -15.62 -3.84 20.64
CA ILE D 86 -16.75 -3.74 19.72
C ILE D 86 -17.93 -4.51 20.32
N ILE D 87 -19.12 -3.93 20.21
CA ILE D 87 -20.36 -4.60 20.59
C ILE D 87 -21.33 -4.47 19.42
N LYS D 88 -21.93 -5.59 19.03
CA LYS D 88 -22.86 -5.58 17.91
C LYS D 88 -23.91 -4.49 18.11
N PRO D 89 -24.18 -3.67 17.08
CA PRO D 89 -25.15 -2.57 17.28
C PRO D 89 -26.51 -3.03 17.77
N GLU D 90 -26.95 -4.24 17.37
CA GLU D 90 -28.26 -4.70 17.80
C GLU D 90 -28.33 -4.96 19.29
N PHE D 91 -27.19 -5.06 19.98
CA PHE D 91 -27.13 -5.18 21.42
C PHE D 91 -26.70 -3.88 22.09
N SER D 92 -26.66 -2.77 21.35
CA SER D 92 -26.21 -1.50 21.90
C SER D 92 -27.12 -1.05 23.02
N GLY D 93 -26.61 -0.14 23.85
CA GLY D 93 -27.36 0.44 24.94
C GLY D 93 -27.66 -0.51 26.09
N LYS D 94 -27.23 -1.77 26.01
CA LYS D 94 -27.51 -2.75 27.04
C LYS D 94 -26.41 -2.85 28.09
N GLY D 95 -25.43 -1.96 28.04
CA GLY D 95 -24.36 -1.96 29.01
C GLY D 95 -23.28 -3.00 28.80
N TYR D 96 -23.30 -3.72 27.67
CA TYR D 96 -22.28 -4.74 27.44
C TYR D 96 -20.91 -4.13 27.26
N ALA D 97 -20.82 -2.93 26.66
CA ALA D 97 -19.52 -2.32 26.40
C ALA D 97 -18.80 -2.00 27.69
N LYS D 98 -19.51 -1.43 28.68
CA LYS D 98 -18.89 -1.13 29.96
C LYS D 98 -18.33 -2.39 30.61
N PHE D 99 -19.14 -3.45 30.65
CA PHE D 99 -18.69 -4.70 31.26
C PHE D 99 -17.47 -5.26 30.54
N ALA D 100 -17.51 -5.27 29.20
CA ALA D 100 -16.38 -5.81 28.44
C ALA D 100 -15.12 -4.99 28.69
N PHE D 101 -15.25 -3.67 28.73
CA PHE D 101 -14.08 -2.82 28.97
C PHE D 101 -13.51 -3.04 30.37
N GLU D 102 -14.40 -3.16 31.37
CA GLU D 102 -13.94 -3.44 32.72
C GLU D 102 -13.18 -4.77 32.77
N LYS D 103 -13.76 -5.82 32.17
CA LYS D 103 -13.11 -7.12 32.20
C LYS D 103 -11.77 -7.08 31.46
N ALA D 104 -11.70 -6.35 30.36
CA ALA D 104 -10.46 -6.26 29.60
C ALA D 104 -9.38 -5.54 30.40
N ILE D 105 -9.74 -4.43 31.06
CA ILE D 105 -8.77 -3.73 31.90
C ILE D 105 -8.30 -4.63 33.03
N ILE D 106 -9.24 -5.35 33.66
CA ILE D 106 -8.87 -6.27 34.73
C ILE D 106 -7.89 -7.31 34.24
N TYR D 107 -8.16 -7.89 33.07
CA TYR D 107 -7.26 -8.89 32.51
C TYR D 107 -5.89 -8.31 32.23
N ALA D 108 -5.84 -7.13 31.61
CA ALA D 108 -4.56 -6.55 31.22
C ALA D 108 -3.72 -6.20 32.44
N PHE D 109 -4.34 -5.67 33.49
CA PHE D 109 -3.56 -5.23 34.65
C PHE D 109 -3.25 -6.38 35.60
N ASN D 110 -4.16 -7.32 35.78
CA ASN D 110 -4.05 -8.33 36.82
C ASN D 110 -3.64 -9.71 36.29
N ILE D 111 -3.41 -9.85 34.98
CA ILE D 111 -2.96 -11.12 34.42
C ILE D 111 -1.67 -10.87 33.66
N LEU D 112 -1.71 -9.97 32.67
CA LEU D 112 -0.54 -9.65 31.87
C LEU D 112 0.42 -8.71 32.58
N ASN D 113 0.10 -8.28 33.79
CA ASN D 113 0.98 -7.41 34.58
C ASN D 113 1.34 -6.15 33.80
N MET D 114 0.36 -5.60 33.08
CA MET D 114 0.59 -4.40 32.30
C MET D 114 0.76 -3.18 33.21
N HIS D 115 1.55 -2.21 32.75
CA HIS D 115 1.76 -0.96 33.46
C HIS D 115 0.90 0.17 32.93
N LYS D 116 0.31 0.01 31.75
CA LYS D 116 -0.48 1.06 31.13
C LYS D 116 -1.34 0.47 30.02
N ILE D 117 -2.52 1.05 29.83
CA ILE D 117 -3.40 0.69 28.73
C ILE D 117 -3.66 1.96 27.93
N TYR D 118 -3.84 1.81 26.62
CA TYR D 118 -4.14 2.95 25.77
C TYR D 118 -5.11 2.53 24.67
N LEU D 119 -5.66 3.54 24.00
CA LEU D 119 -6.66 3.31 22.97
C LEU D 119 -6.77 4.56 22.10
N TYR D 120 -7.17 4.35 20.85
CA TYR D 120 -7.45 5.43 19.91
C TYR D 120 -8.96 5.50 19.71
N VAL D 121 -9.53 6.69 19.87
CA VAL D 121 -10.96 6.89 19.70
C VAL D 121 -11.19 8.09 18.80
N ASP D 122 -12.31 8.08 18.08
CA ASP D 122 -12.64 9.21 17.22
C ASP D 122 -13.09 10.39 18.07
N ALA D 123 -12.54 11.57 17.78
CA ALA D 123 -12.88 12.75 18.58
C ALA D 123 -14.38 13.01 18.61
N ASP D 124 -15.09 12.61 17.56
CA ASP D 124 -16.54 12.84 17.50
C ASP D 124 -17.33 11.77 18.25
N ASN D 125 -16.73 10.61 18.52
CA ASN D 125 -17.42 9.51 19.19
C ASN D 125 -17.49 9.84 20.69
N LYS D 126 -18.47 10.67 21.04
CA LYS D 126 -18.60 11.10 22.43
C LYS D 126 -19.05 9.96 23.34
N LYS D 127 -19.84 9.02 22.82
CA LYS D 127 -20.30 7.90 23.63
C LYS D 127 -19.12 7.07 24.14
N ALA D 128 -18.29 6.58 23.21
CA ALA D 128 -17.14 5.76 23.60
C ALA D 128 -16.18 6.57 24.48
N ILE D 129 -16.03 7.86 24.19
CA ILE D 129 -15.16 8.70 25.02
C ILE D 129 -15.67 8.72 26.46
N HIS D 130 -16.98 8.88 26.63
CA HIS D 130 -17.56 8.89 27.97
C HIS D 130 -17.38 7.55 28.67
N ILE D 131 -17.60 6.45 27.93
CA ILE D 131 -17.45 5.14 28.53
C ILE D 131 -16.02 4.93 29.00
N TYR D 132 -15.04 5.36 28.18
CA TYR D 132 -13.64 5.20 28.56
C TYR D 132 -13.29 6.09 29.74
N GLU D 133 -13.80 7.33 29.76
CA GLU D 133 -13.52 8.21 30.88
C GLU D 133 -14.07 7.65 32.19
N SER D 134 -15.30 7.14 32.15
CA SER D 134 -15.90 6.55 33.35
C SER D 134 -15.09 5.39 33.90
N GLN D 135 -14.22 4.79 33.08
CA GLN D 135 -13.39 3.68 33.51
C GLN D 135 -11.99 4.12 33.95
N GLY D 136 -11.69 5.42 33.86
CA GLY D 136 -10.44 5.95 34.37
C GLY D 136 -9.51 6.50 33.32
N PHE D 137 -9.77 6.26 32.04
CA PHE D 137 -8.88 6.73 30.99
C PHE D 137 -8.86 8.25 30.94
N LYS D 138 -7.68 8.79 30.61
CA LYS D 138 -7.48 10.22 30.44
C LYS D 138 -6.92 10.50 29.05
N THR D 139 -7.29 11.65 28.50
CA THR D 139 -6.83 12.03 27.17
C THR D 139 -5.41 12.57 27.26
N GLU D 140 -4.46 11.89 26.61
CA GLU D 140 -3.07 12.30 26.62
C GLU D 140 -2.63 13.00 25.34
N GLY D 141 -3.47 13.05 24.31
CA GLY D 141 -3.10 13.71 23.08
C GLY D 141 -4.23 13.65 22.09
N LEU D 142 -4.20 14.60 21.15
CA LEU D 142 -5.17 14.69 20.07
C LEU D 142 -4.42 14.53 18.75
N LEU D 143 -4.66 13.44 18.04
CA LEU D 143 -4.02 13.15 16.76
C LEU D 143 -4.93 13.63 15.64
N LYS D 144 -4.54 14.73 15.00
CA LYS D 144 -5.36 15.34 13.97
C LYS D 144 -5.11 14.67 12.63
N GLU D 145 -6.19 14.29 11.94
CA GLU D 145 -6.12 13.65 10.63
C GLU D 145 -5.24 12.40 10.69
N GLN D 146 -5.39 11.63 11.77
CA GLN D 146 -4.58 10.43 11.95
C GLN D 146 -5.15 9.24 11.18
N PHE D 147 -6.46 9.18 11.02
CA PHE D 147 -7.12 8.09 10.32
C PHE D 147 -8.01 8.66 9.22
N TYR D 148 -8.29 7.82 8.22
CA TYR D 148 -9.09 8.20 7.06
C TYR D 148 -10.26 7.24 6.95
N THR D 149 -11.47 7.75 7.18
CA THR D 149 -12.67 6.93 7.11
C THR D 149 -13.81 7.76 6.56
N LYS D 150 -14.73 7.09 5.86
CA LYS D 150 -15.92 7.73 5.30
C LYS D 150 -15.53 8.95 4.46
N GLY D 151 -14.39 8.85 3.77
CA GLY D 151 -13.95 9.90 2.89
C GLY D 151 -13.39 11.13 3.57
N LYS D 152 -13.17 11.08 4.88
CA LYS D 152 -12.66 12.22 5.62
C LYS D 152 -11.53 11.78 6.54
N TYR D 153 -10.57 12.68 6.73
CA TYR D 153 -9.51 12.50 7.72
C TYR D 153 -10.05 12.91 9.09
N LYS D 154 -10.26 11.94 9.95
CA LYS D 154 -10.81 12.17 11.28
C LYS D 154 -9.69 12.37 12.31
N ASP D 155 -9.99 13.15 13.32
CA ASP D 155 -9.08 13.34 14.45
C ASP D 155 -9.34 12.28 15.50
N ALA D 156 -8.29 11.92 16.24
CA ALA D 156 -8.35 10.82 17.19
C ALA D 156 -7.75 11.22 18.52
N TYR D 157 -8.48 10.96 19.60
CA TYR D 157 -7.95 11.06 20.95
C TYR D 157 -7.19 9.78 21.29
N PHE D 158 -5.99 9.97 21.85
CA PHE D 158 -5.19 8.86 22.39
C PHE D 158 -5.43 8.85 23.89
N MET D 159 -6.38 8.03 24.33
CA MET D 159 -6.72 7.93 25.73
C MET D 159 -5.91 6.80 26.37
N SER D 160 -5.68 6.91 27.67
CA SER D 160 -4.85 5.93 28.35
C SER D 160 -5.15 5.93 29.84
N LEU D 161 -4.80 4.82 30.48
CA LEU D 161 -5.01 4.59 31.91
C LEU D 161 -3.79 3.87 32.46
N LEU D 162 -3.16 4.46 33.46
CA LEU D 162 -2.04 3.82 34.14
C LEU D 162 -2.55 2.85 35.20
N LYS D 163 -1.74 1.83 35.50
CA LYS D 163 -2.11 0.88 36.54
C LYS D 163 -2.18 1.56 37.90
N SER D 164 -1.27 2.52 38.15
CA SER D 164 -1.31 3.24 39.41
C SER D 164 -2.61 4.02 39.57
N GLU D 165 -3.06 4.68 38.50
CA GLU D 165 -4.33 5.39 38.55
C GLU D 165 -5.51 4.43 38.71
N TYR D 166 -5.32 3.14 38.40
CA TYR D 166 -6.41 2.17 38.41
C TYR D 166 -6.64 1.54 39.77
N ILE D 167 -5.60 1.44 40.62
CA ILE D 167 -5.76 0.81 41.92
C ILE D 167 -6.36 1.75 42.96
N LEU D 168 -6.66 2.99 42.60
CA LEU D 168 -7.17 3.97 43.55
C LEU D 168 -8.69 3.90 43.64
N1 SPM E . 12.18 -2.95 3.99
C2 SPM E . 11.62 -3.47 2.75
C3 SPM E . 11.33 -2.31 1.81
C4 SPM E . 10.97 -2.84 0.43
N5 SPM E . 10.68 -1.73 -0.47
C6 SPM E . 10.57 -2.20 -1.84
C7 SPM E . 10.48 -1.00 -2.78
C8 SPM E . 10.48 -1.48 -4.22
C9 SPM E . 10.30 -0.28 -5.16
N10 SPM E . 9.94 -0.74 -6.49
C11 SPM E . 11.12 -1.14 -7.22
C12 SPM E . 11.86 0.10 -7.72
C13 SPM E . 12.92 -0.30 -8.76
N14 SPM E . 12.27 -1.00 -9.85
N1 SPM F . 18.97 -15.75 22.12
C2 SPM F . 17.97 -14.98 21.39
C3 SPM F . 18.00 -13.53 21.86
C4 SPM F . 17.18 -12.64 20.93
N5 SPM F . 17.10 -11.31 21.50
C6 SPM F . 16.52 -10.38 20.55
C7 SPM F . 16.60 -8.98 21.15
C8 SPM F . 16.07 -7.94 20.16
C9 SPM F . 16.10 -6.56 20.83
N10 SPM F . 15.49 -5.57 19.96
C11 SPM F . 16.46 -5.09 18.99
C12 SPM F . 16.06 -3.68 18.54
C13 SPM F . 17.07 -3.16 17.50
N14 SPM F . 16.88 -3.86 16.25
N1 SPM G . -5.00 -24.73 -19.11
C2 SPM G . -5.07 -23.53 -18.30
C3 SPM G . -5.71 -22.39 -19.09
C4 SPM G . -5.94 -21.19 -18.18
N5 SPM G . -6.56 -20.12 -18.94
C6 SPM G . -7.07 -19.11 -18.03
C7 SPM G . -7.73 -17.98 -18.82
C8 SPM G . -8.48 -17.05 -17.86
C9 SPM G . -9.01 -15.84 -18.62
N10 SPM G . -9.86 -15.05 -17.76
C11 SPM G . -11.02 -15.81 -17.36
C12 SPM G . -12.14 -14.86 -16.91
C13 SPM G . -11.76 -14.19 -15.59
N14 SPM G . -10.82 -13.11 -15.84
N1 SPM H . -8.03 -10.10 -2.96
C2 SPM H . -7.41 -9.96 -1.66
C3 SPM H . -8.03 -8.79 -0.92
C4 SPM H . -7.45 -8.68 0.48
N5 SPM H . -8.04 -7.55 1.17
C6 SPM H . -7.62 -7.52 2.56
C7 SPM H . -8.45 -6.48 3.31
C8 SPM H . -8.04 -6.45 4.78
C9 SPM H . -8.79 -5.33 5.51
N10 SPM H . -8.20 -5.10 6.81
C11 SPM H . -8.73 -6.03 7.78
C12 SPM H . -10.17 -5.66 8.12
C13 SPM H . -10.64 -6.43 9.36
N14 SPM H . -9.82 -6.06 10.50
#